data_2H6F
#
_entry.id   2H6F
#
_cell.length_a   178.572
_cell.length_b   178.572
_cell.length_c   64.660
_cell.angle_alpha   90
_cell.angle_beta   90
_cell.angle_gamma   120
#
_symmetry.space_group_name_H-M   'P 61'
#
loop_
_entity.id
_entity.type
_entity.pdbx_description
1 polymer 'Protein farnesyltransferase/geranylgeranyltransferase type I alpha subunit'
2 polymer 'Protein farnesyltransferase beta subunit'
3 polymer 'farnesylated peptide'
4 branched beta-D-fructofuranose-(2-1)-alpha-D-glucopyranose
5 non-polymer 'ACETIC ACID'
6 non-polymer 'ZINC ION'
7 non-polymer FARNESYL
8 water water
#
loop_
_entity_poly.entity_id
_entity_poly.type
_entity_poly.pdbx_seq_one_letter_code
_entity_poly.pdbx_strand_id
1 'polypeptide(L)'
;MAATEGVGEAAQGGEPGQPAQPPPQPHPPPPQQQHKEEMAAEAGEAVASPMDDGFVSLDSPSYVLYRDRAEWADIDPVPQ
NDGPNPVVQIIYSDKFRDVYDYFRAVLQRDERSERAFKLTRDAIELNAANYTVWHFRRVLLKSLQKDLHEEMNYITAIIE
EQPKNYQVWHHRRVLVEWLRDPSQELEFIADILNQDAKNYHAWQHRQWVIQEFKLWDNELQYVDQLLKEDVRNNSVWNQR
YFVISNTTGYNDRAVLEREVQYTLEMIKLVPHNESAWNYLKGILQDRGLSKYPNLLNQLLDLQPSHSSPYLIAFLVDIYE
DMLENQCDNKEDILNKALELCEILAKEKDTIRKEYWRYIGRSLQSKHSTENDSPTNVQQEEF
;
A
2 'polypeptide(L)'
;MASPSSFTYYCPPSSSPVWSEPLYSLRPEHARERLQDDSVETVTSIEQAKVEEKIQEVFSSYKFNHLVPRLVLQREKHFH
YLKRGLRQLTDAYECLDASRPWLCYWILHSLELLDEPIPQIVATDVCQFLELCQSPEGGFGGGPGQYPHLAPTYAAVNAL
CIIGTEEAYDIINREKLLQYLYSLKQPDGSFLMHVGGEVDVRSAYCAASVASLTNIITPDLFEGTAEWIARCQNWEGGIG
GVPGMEAHGGYTFCGLAALVILKRERSLNLKSLLQWVTSRQMRFEGGFQGRCNKLVDGCYSFWQAGLLPLLHRALHAQGD
PALSMSHWMFHQQALQEYILMCCQCPAGGLLDKPGKSRDFYHTCYCLSGLSIAQHFGSGAMLHDVVLGVPENALQPTHPV
YNIGPDKVIQATTYFLQKPVPGFEELKDETSAEPATD
;
B
3 'polypeptide(L)' DDPTASACVLS P
#
loop_
_chem_comp.id
_chem_comp.type
_chem_comp.name
_chem_comp.formula
ACY non-polymer 'ACETIC ACID' 'C2 H4 O2'
FAR non-polymer FARNESYL 'C15 H26'
FRU D-saccharide, beta linking beta-D-fructofuranose 'C6 H12 O6'
GLC D-saccharide, alpha linking alpha-D-glucopyranose 'C6 H12 O6'
ZN non-polymer 'ZINC ION' 'Zn 2'
#
# COMPACT_ATOMS: atom_id res chain seq x y z
N PHE A 55 -16.15 -20.13 27.29
CA PHE A 55 -16.20 -21.52 27.83
C PHE A 55 -15.08 -22.40 27.27
N VAL A 56 -15.37 -23.10 26.18
CA VAL A 56 -14.40 -23.98 25.55
C VAL A 56 -13.87 -23.39 24.24
N SER A 57 -12.56 -23.48 24.04
CA SER A 57 -11.91 -22.95 22.86
C SER A 57 -11.84 -23.98 21.72
N LEU A 58 -11.58 -23.49 20.50
CA LEU A 58 -11.49 -24.34 19.32
C LEU A 58 -10.40 -25.40 19.40
N ASP A 59 -9.36 -25.14 20.18
CA ASP A 59 -8.26 -26.08 20.32
C ASP A 59 -8.34 -26.86 21.62
N SER A 60 -9.35 -26.57 22.43
CA SER A 60 -9.54 -27.25 23.70
C SER A 60 -9.88 -28.71 23.51
N PRO A 61 -9.33 -29.59 24.37
CA PRO A 61 -9.60 -31.03 24.27
C PRO A 61 -11.08 -31.40 24.36
N SER A 62 -11.87 -30.61 25.06
CA SER A 62 -13.29 -30.89 25.21
C SER A 62 -14.18 -30.15 24.22
N TYR A 63 -13.58 -29.51 23.21
CA TYR A 63 -14.35 -28.78 22.21
C TYR A 63 -15.29 -29.73 21.47
N VAL A 64 -16.51 -29.28 21.25
CA VAL A 64 -17.52 -30.06 20.54
C VAL A 64 -18.07 -29.24 19.37
N LEU A 65 -18.20 -29.88 18.22
CA LEU A 65 -18.73 -29.20 17.04
C LEU A 65 -20.14 -28.72 17.33
N TYR A 66 -20.53 -27.57 16.78
CA TYR A 66 -21.86 -27.04 17.04
C TYR A 66 -22.97 -27.98 16.59
N ARG A 67 -22.74 -28.74 15.53
CA ARG A 67 -23.76 -29.68 15.06
C ARG A 67 -24.02 -30.80 16.07
N ASP A 68 -23.15 -30.91 17.07
CA ASP A 68 -23.29 -31.94 18.09
C ASP A 68 -23.72 -31.39 19.46
N ARG A 69 -23.90 -30.08 19.55
CA ARG A 69 -24.29 -29.46 20.82
C ARG A 69 -25.80 -29.45 21.02
N ALA A 70 -26.24 -30.04 22.11
CA ALA A 70 -27.67 -30.11 22.43
C ALA A 70 -28.32 -28.73 22.49
N GLU A 71 -27.61 -27.75 23.03
CA GLU A 71 -28.15 -26.40 23.16
C GLU A 71 -28.28 -25.67 21.81
N TRP A 72 -27.82 -26.33 20.74
CA TRP A 72 -27.90 -25.75 19.40
C TRP A 72 -28.76 -26.59 18.46
N ALA A 73 -29.33 -27.67 18.98
CA ALA A 73 -30.14 -28.56 18.17
C ALA A 73 -31.42 -27.95 17.60
N ASP A 74 -31.91 -26.90 18.23
CA ASP A 74 -33.15 -26.24 17.80
C ASP A 74 -33.02 -25.33 16.58
N ILE A 75 -31.80 -25.10 16.10
CA ILE A 75 -31.61 -24.25 14.94
C ILE A 75 -30.85 -25.01 13.85
N ASP A 76 -31.34 -24.91 12.62
CA ASP A 76 -30.70 -25.60 11.50
C ASP A 76 -29.54 -24.77 10.95
N PRO A 77 -28.41 -25.43 10.65
CA PRO A 77 -27.25 -24.71 10.11
C PRO A 77 -27.55 -24.26 8.68
N VAL A 78 -26.90 -23.18 8.26
CA VAL A 78 -27.10 -22.65 6.91
C VAL A 78 -25.80 -22.78 6.13
N PRO A 79 -25.74 -23.74 5.20
CA PRO A 79 -24.54 -23.96 4.39
C PRO A 79 -24.25 -22.77 3.49
N GLN A 80 -22.98 -22.58 3.14
CA GLN A 80 -22.58 -21.51 2.26
C GLN A 80 -22.84 -21.97 0.83
N ASN A 81 -23.55 -21.15 0.07
CA ASN A 81 -23.84 -21.51 -1.32
C ASN A 81 -22.84 -20.86 -2.28
N ASP A 82 -21.89 -21.66 -2.75
CA ASP A 82 -20.87 -21.19 -3.68
C ASP A 82 -21.28 -21.43 -5.12
N GLY A 83 -22.46 -21.99 -5.33
CA GLY A 83 -22.92 -22.26 -6.67
C GLY A 83 -22.55 -23.67 -7.09
N PRO A 84 -23.08 -24.16 -8.23
CA PRO A 84 -22.80 -25.50 -8.74
C PRO A 84 -21.38 -25.72 -9.25
N ASN A 85 -20.77 -24.68 -9.81
CA ASN A 85 -19.41 -24.77 -10.32
C ASN A 85 -18.54 -23.71 -9.63
N PRO A 86 -18.15 -23.99 -8.39
CA PRO A 86 -17.33 -23.11 -7.54
C PRO A 86 -15.98 -22.67 -8.10
N VAL A 87 -15.58 -21.45 -7.70
CA VAL A 87 -14.31 -20.88 -8.08
C VAL A 87 -13.67 -20.42 -6.78
N VAL A 88 -12.35 -20.30 -6.76
CA VAL A 88 -11.59 -19.93 -5.58
C VAL A 88 -12.23 -20.55 -4.33
N GLN A 89 -12.57 -21.83 -4.47
CA GLN A 89 -13.20 -22.60 -3.41
C GLN A 89 -12.19 -23.08 -2.38
N ILE A 90 -12.36 -22.62 -1.15
CA ILE A 90 -11.46 -22.99 -0.07
C ILE A 90 -11.92 -24.30 0.55
N ILE A 91 -11.01 -25.27 0.65
CA ILE A 91 -11.34 -26.55 1.24
C ILE A 91 -11.25 -26.41 2.75
N TYR A 92 -12.33 -25.92 3.35
CA TYR A 92 -12.40 -25.70 4.79
C TYR A 92 -12.26 -26.95 5.61
N SER A 93 -11.77 -26.78 6.84
CA SER A 93 -11.64 -27.89 7.77
C SER A 93 -13.06 -28.12 8.27
N ASP A 94 -13.31 -29.27 8.88
CA ASP A 94 -14.65 -29.56 9.39
C ASP A 94 -15.04 -28.56 10.47
N LYS A 95 -14.08 -28.22 11.34
CA LYS A 95 -14.35 -27.26 12.42
C LYS A 95 -14.69 -25.86 11.90
N PHE A 96 -14.02 -25.45 10.84
CA PHE A 96 -14.26 -24.12 10.26
C PHE A 96 -15.67 -24.04 9.66
N ARG A 97 -16.01 -25.00 8.81
CA ARG A 97 -17.32 -25.02 8.17
C ARG A 97 -18.44 -25.15 9.19
N ASP A 98 -18.20 -25.93 10.24
CA ASP A 98 -19.20 -26.12 11.28
C ASP A 98 -19.57 -24.79 11.96
N VAL A 99 -18.55 -24.05 12.40
CA VAL A 99 -18.80 -22.77 13.05
C VAL A 99 -19.50 -21.80 12.11
N TYR A 100 -19.01 -21.68 10.89
CA TYR A 100 -19.62 -20.76 9.95
C TYR A 100 -21.00 -21.15 9.44
N ASP A 101 -21.31 -22.45 9.46
CA ASP A 101 -22.63 -22.88 9.04
C ASP A 101 -23.62 -22.38 10.10
N TYR A 102 -23.21 -22.39 11.36
CA TYR A 102 -24.09 -21.92 12.41
C TYR A 102 -24.07 -20.40 12.53
N PHE A 103 -22.96 -19.77 12.16
CA PHE A 103 -22.92 -18.31 12.20
C PHE A 103 -23.90 -17.80 11.16
N ARG A 104 -23.91 -18.44 9.99
CA ARG A 104 -24.80 -18.05 8.91
C ARG A 104 -26.25 -18.21 9.37
N ALA A 105 -26.49 -19.21 10.22
CA ALA A 105 -27.83 -19.46 10.72
C ALA A 105 -28.32 -18.35 11.65
N VAL A 106 -27.50 -17.97 12.63
CA VAL A 106 -27.89 -16.92 13.57
C VAL A 106 -27.96 -15.56 12.88
N LEU A 107 -27.09 -15.32 11.91
CA LEU A 107 -27.09 -14.06 11.19
C LEU A 107 -28.36 -13.93 10.38
N GLN A 108 -28.74 -15.00 9.69
CA GLN A 108 -29.93 -15.03 8.86
C GLN A 108 -31.20 -14.81 9.66
N ARG A 109 -31.22 -15.34 10.89
CA ARG A 109 -32.38 -15.21 11.76
C ARG A 109 -32.24 -13.99 12.66
N ASP A 110 -31.09 -13.33 12.56
CA ASP A 110 -30.80 -12.15 13.37
C ASP A 110 -31.08 -12.46 14.83
N GLU A 111 -30.52 -13.57 15.30
CA GLU A 111 -30.72 -14.00 16.68
C GLU A 111 -29.77 -13.25 17.62
N ARG A 112 -30.32 -12.32 18.38
CA ARG A 112 -29.54 -11.54 19.34
C ARG A 112 -29.53 -12.33 20.65
N SER A 113 -28.72 -13.37 20.71
CA SER A 113 -28.65 -14.20 21.90
C SER A 113 -27.25 -14.39 22.46
N GLU A 114 -27.19 -14.89 23.69
CA GLU A 114 -25.93 -15.15 24.36
C GLU A 114 -25.18 -16.26 23.62
N ARG A 115 -25.90 -17.25 23.12
CA ARG A 115 -25.24 -18.34 22.42
C ARG A 115 -24.63 -17.84 21.12
N ALA A 116 -25.31 -16.89 20.47
CA ALA A 116 -24.80 -16.32 19.23
C ALA A 116 -23.54 -15.51 19.54
N PHE A 117 -23.57 -14.81 20.67
CA PHE A 117 -22.44 -14.00 21.09
C PHE A 117 -21.20 -14.88 21.29
N LYS A 118 -21.37 -15.99 22.00
CA LYS A 118 -20.26 -16.90 22.24
C LYS A 118 -19.77 -17.50 20.93
N LEU A 119 -20.69 -17.76 20.02
CA LEU A 119 -20.34 -18.32 18.72
C LEU A 119 -19.42 -17.40 17.94
N THR A 120 -19.65 -16.09 18.00
CA THR A 120 -18.80 -15.17 17.25
C THR A 120 -17.35 -15.25 17.71
N ARG A 121 -17.13 -15.59 18.98
CA ARG A 121 -15.77 -15.72 19.49
C ARG A 121 -15.03 -16.81 18.72
N ASP A 122 -15.71 -17.93 18.47
CA ASP A 122 -15.09 -19.03 17.73
C ASP A 122 -14.93 -18.68 16.26
N ALA A 123 -15.91 -17.95 15.70
CA ALA A 123 -15.85 -17.54 14.31
C ALA A 123 -14.64 -16.62 14.10
N ILE A 124 -14.40 -15.77 15.09
CA ILE A 124 -13.28 -14.84 15.04
C ILE A 124 -11.94 -15.58 15.15
N GLU A 125 -11.87 -16.61 15.99
CA GLU A 125 -10.62 -17.35 16.11
C GLU A 125 -10.28 -18.03 14.79
N LEU A 126 -11.31 -18.52 14.09
CA LEU A 126 -11.13 -19.19 12.81
C LEU A 126 -10.70 -18.22 11.71
N ASN A 127 -11.27 -17.02 11.72
CA ASN A 127 -10.92 -16.00 10.74
C ASN A 127 -11.20 -14.61 11.30
N ALA A 128 -10.21 -14.03 11.96
CA ALA A 128 -10.35 -12.71 12.57
C ALA A 128 -10.53 -11.59 11.55
N ALA A 129 -10.35 -11.90 10.27
CA ALA A 129 -10.53 -10.89 9.23
C ALA A 129 -11.97 -10.84 8.71
N ASN A 130 -12.84 -11.68 9.26
CA ASN A 130 -14.23 -11.68 8.81
C ASN A 130 -14.94 -10.49 9.48
N TYR A 131 -15.02 -9.39 8.75
CA TYR A 131 -15.63 -8.16 9.26
C TYR A 131 -17.13 -8.28 9.50
N THR A 132 -17.78 -9.23 8.84
CA THR A 132 -19.22 -9.42 9.05
C THR A 132 -19.45 -9.96 10.46
N VAL A 133 -18.61 -10.90 10.87
CA VAL A 133 -18.72 -11.47 12.21
C VAL A 133 -18.50 -10.38 13.26
N TRP A 134 -17.49 -9.52 13.05
CA TRP A 134 -17.21 -8.45 14.00
C TRP A 134 -18.36 -7.47 14.10
N HIS A 135 -18.99 -7.14 12.96
CA HIS A 135 -20.10 -6.21 12.97
C HIS A 135 -21.24 -6.82 13.79
N PHE A 136 -21.54 -8.09 13.54
CA PHE A 136 -22.61 -8.76 14.27
C PHE A 136 -22.29 -8.82 15.76
N ARG A 137 -21.02 -9.05 16.10
CA ARG A 137 -20.64 -9.12 17.50
C ARG A 137 -20.92 -7.78 18.18
N ARG A 138 -20.67 -6.69 17.48
CA ARG A 138 -20.93 -5.37 18.07
C ARG A 138 -22.42 -5.14 18.26
N VAL A 139 -23.24 -5.67 17.35
CA VAL A 139 -24.69 -5.54 17.45
C VAL A 139 -25.12 -6.27 18.73
N LEU A 140 -24.51 -7.41 18.98
CA LEU A 140 -24.83 -8.21 20.16
C LEU A 140 -24.34 -7.54 21.44
N LEU A 141 -23.18 -6.91 21.39
CA LEU A 141 -22.65 -6.24 22.58
C LEU A 141 -23.67 -5.23 23.08
N LYS A 142 -24.30 -4.51 22.15
CA LYS A 142 -25.29 -3.52 22.52
C LYS A 142 -26.63 -4.14 22.92
N SER A 143 -27.14 -5.04 22.07
CA SER A 143 -28.41 -5.71 22.34
C SER A 143 -28.42 -6.45 23.68
N LEU A 144 -27.32 -7.11 24.00
CA LEU A 144 -27.20 -7.88 25.23
C LEU A 144 -26.66 -7.07 26.41
N GLN A 145 -26.31 -5.82 26.15
CA GLN A 145 -25.77 -4.94 27.19
C GLN A 145 -24.57 -5.60 27.89
N LYS A 146 -23.66 -6.13 27.10
CA LYS A 146 -22.47 -6.81 27.62
C LYS A 146 -21.51 -5.82 28.27
N ASP A 147 -20.75 -6.31 29.25
CA ASP A 147 -19.77 -5.49 29.95
C ASP A 147 -18.67 -5.13 28.96
N LEU A 148 -18.58 -3.85 28.61
CA LEU A 148 -17.58 -3.39 27.64
C LEU A 148 -16.14 -3.47 28.13
N HIS A 149 -15.93 -3.46 29.44
CA HIS A 149 -14.57 -3.56 29.97
C HIS A 149 -14.10 -5.00 29.79
N GLU A 150 -15.04 -5.93 29.87
CA GLU A 150 -14.72 -7.34 29.69
C GLU A 150 -14.36 -7.51 28.22
N GLU A 151 -15.08 -6.81 27.35
CA GLU A 151 -14.81 -6.90 25.92
C GLU A 151 -13.46 -6.26 25.60
N MET A 152 -13.08 -5.24 26.36
CA MET A 152 -11.79 -4.59 26.15
C MET A 152 -10.68 -5.59 26.45
N ASN A 153 -10.87 -6.40 27.49
CA ASN A 153 -9.87 -7.40 27.86
C ASN A 153 -9.76 -8.41 26.72
N TYR A 154 -10.89 -8.71 26.10
CA TYR A 154 -10.93 -9.66 24.99
C TYR A 154 -10.18 -9.13 23.77
N ILE A 155 -10.52 -7.90 23.35
CA ILE A 155 -9.86 -7.35 22.17
C ILE A 155 -8.37 -7.13 22.42
N THR A 156 -7.99 -6.90 23.67
CA THR A 156 -6.59 -6.71 24.01
C THR A 156 -5.84 -8.00 23.65
N ALA A 157 -6.40 -9.13 24.08
CA ALA A 157 -5.80 -10.43 23.81
C ALA A 157 -5.78 -10.74 22.32
N ILE A 158 -6.86 -10.42 21.63
CA ILE A 158 -6.96 -10.69 20.21
C ILE A 158 -5.95 -9.89 19.39
N ILE A 159 -5.81 -8.60 19.69
CA ILE A 159 -4.86 -7.77 18.96
C ILE A 159 -3.43 -8.26 19.18
N GLU A 160 -3.13 -8.70 20.40
CA GLU A 160 -1.80 -9.22 20.70
C GLU A 160 -1.47 -10.40 19.77
N GLU A 161 -2.50 -11.17 19.44
CA GLU A 161 -2.35 -12.34 18.57
C GLU A 161 -2.30 -12.00 17.08
N GLN A 162 -3.07 -10.99 16.68
CA GLN A 162 -3.11 -10.58 15.27
C GLN A 162 -3.08 -9.06 15.20
N PRO A 163 -1.92 -8.47 15.47
CA PRO A 163 -1.68 -7.02 15.47
C PRO A 163 -1.74 -6.27 14.14
N LYS A 164 -1.77 -6.97 13.01
CA LYS A 164 -1.81 -6.28 11.72
C LYS A 164 -3.16 -6.38 11.02
N ASN A 165 -4.17 -6.77 11.78
CA ASN A 165 -5.53 -6.95 11.28
C ASN A 165 -6.34 -5.64 11.41
N TYR A 166 -7.06 -5.28 10.35
CA TYR A 166 -7.86 -4.04 10.36
C TYR A 166 -9.07 -4.08 11.29
N GLN A 167 -9.77 -5.22 11.29
CA GLN A 167 -10.97 -5.35 12.09
C GLN A 167 -10.76 -5.26 13.59
N VAL A 168 -9.68 -5.86 14.09
CA VAL A 168 -9.44 -5.85 15.53
C VAL A 168 -9.14 -4.45 16.06
N TRP A 169 -8.39 -3.65 15.31
CA TRP A 169 -8.10 -2.30 15.76
C TRP A 169 -9.35 -1.43 15.69
N HIS A 170 -10.18 -1.62 14.67
CA HIS A 170 -11.40 -0.81 14.58
C HIS A 170 -12.35 -1.17 15.72
N HIS A 171 -12.41 -2.45 16.06
CA HIS A 171 -13.28 -2.89 17.14
C HIS A 171 -12.84 -2.21 18.43
N ARG A 172 -11.54 -2.17 18.68
CA ARG A 172 -11.02 -1.54 19.88
C ARG A 172 -11.39 -0.06 19.90
N ARG A 173 -11.26 0.62 18.76
CA ARG A 173 -11.60 2.03 18.69
C ARG A 173 -13.08 2.24 19.05
N VAL A 174 -13.94 1.38 18.52
CA VAL A 174 -15.36 1.51 18.81
C VAL A 174 -15.64 1.38 20.31
N LEU A 175 -14.96 0.43 20.95
CA LEU A 175 -15.14 0.24 22.39
C LEU A 175 -14.70 1.47 23.16
N VAL A 176 -13.55 2.04 22.79
CA VAL A 176 -13.05 3.23 23.47
C VAL A 176 -14.02 4.40 23.27
N GLU A 177 -14.61 4.47 22.07
CA GLU A 177 -15.58 5.53 21.78
C GLU A 177 -16.84 5.33 22.61
N TRP A 178 -17.30 4.09 22.72
CA TRP A 178 -18.51 3.78 23.50
C TRP A 178 -18.30 4.08 24.98
N LEU A 179 -17.11 3.76 25.48
CA LEU A 179 -16.79 3.98 26.89
C LEU A 179 -16.23 5.37 27.17
N ARG A 180 -15.74 6.03 26.12
CA ARG A 180 -15.14 7.34 26.28
C ARG A 180 -14.06 7.21 27.35
N ASP A 181 -13.36 6.07 27.31
CA ASP A 181 -12.30 5.76 28.26
C ASP A 181 -11.01 5.33 27.56
N PRO A 182 -10.04 6.26 27.49
CA PRO A 182 -8.74 6.00 26.85
C PRO A 182 -7.64 5.63 27.84
N SER A 183 -8.01 5.45 29.10
CA SER A 183 -7.05 5.14 30.17
C SER A 183 -6.09 3.97 29.97
N GLN A 184 -6.45 3.00 29.14
CA GLN A 184 -5.59 1.85 28.90
C GLN A 184 -4.86 1.90 27.56
N GLU A 185 -5.24 2.84 26.72
CA GLU A 185 -4.67 2.94 25.38
C GLU A 185 -3.17 3.15 25.19
N LEU A 186 -2.61 4.21 25.74
CA LEU A 186 -1.19 4.46 25.54
C LEU A 186 -0.30 3.30 26.03
N GLU A 187 -0.67 2.68 27.14
CA GLU A 187 0.11 1.57 27.67
C GLU A 187 -0.01 0.33 26.79
N PHE A 188 -1.24 0.05 26.36
CA PHE A 188 -1.48 -1.12 25.51
C PHE A 188 -0.72 -0.98 24.20
N ILE A 189 -0.89 0.16 23.56
CA ILE A 189 -0.22 0.42 22.28
C ILE A 189 1.29 0.31 22.45
N ALA A 190 1.80 0.81 23.57
CA ALA A 190 3.23 0.76 23.83
C ALA A 190 3.70 -0.70 23.88
N ASP A 191 2.86 -1.58 24.40
CA ASP A 191 3.23 -3.00 24.47
C ASP A 191 3.30 -3.60 23.07
N ILE A 192 2.35 -3.22 22.23
CA ILE A 192 2.33 -3.72 20.85
C ILE A 192 3.56 -3.21 20.12
N LEU A 193 3.88 -1.93 20.31
CA LEU A 193 5.04 -1.33 19.67
C LEU A 193 6.35 -1.86 20.21
N ASN A 194 6.30 -2.47 21.39
CA ASN A 194 7.50 -3.03 21.98
C ASN A 194 7.85 -4.32 21.23
N GLN A 195 6.85 -4.91 20.58
CA GLN A 195 7.02 -6.14 19.82
C GLN A 195 7.32 -5.83 18.34
N ASP A 196 6.70 -4.77 17.83
CA ASP A 196 6.91 -4.32 16.45
C ASP A 196 6.81 -2.80 16.49
N ALA A 197 7.97 -2.14 16.58
CA ALA A 197 8.02 -0.69 16.68
C ALA A 197 7.52 0.07 15.47
N LYS A 198 7.17 -0.62 14.40
CA LYS A 198 6.69 0.04 13.20
C LYS A 198 5.28 -0.37 12.78
N ASN A 199 4.56 -1.06 13.67
CA ASN A 199 3.20 -1.48 13.35
C ASN A 199 2.35 -0.27 12.97
N TYR A 200 1.94 -0.21 11.72
CA TYR A 200 1.15 0.91 11.20
C TYR A 200 -0.18 1.11 11.91
N HIS A 201 -0.89 0.03 12.16
CA HIS A 201 -2.20 0.09 12.82
C HIS A 201 -2.06 0.62 14.25
N ALA A 202 -1.00 0.22 14.92
CA ALA A 202 -0.75 0.66 16.28
C ALA A 202 -0.48 2.16 16.33
N TRP A 203 0.37 2.64 15.44
CA TRP A 203 0.67 4.07 15.42
C TRP A 203 -0.58 4.89 15.04
N GLN A 204 -1.39 4.36 14.12
CA GLN A 204 -2.58 5.06 13.70
C GLN A 204 -3.58 5.18 14.85
N HIS A 205 -3.76 4.09 15.59
CA HIS A 205 -4.67 4.06 16.72
C HIS A 205 -4.14 5.04 17.78
N ARG A 206 -2.83 5.05 17.96
CA ARG A 206 -2.20 5.93 18.95
C ARG A 206 -2.45 7.40 18.61
N GLN A 207 -2.34 7.75 17.32
CA GLN A 207 -2.59 9.14 16.93
C GLN A 207 -4.04 9.51 17.18
N TRP A 208 -4.96 8.59 16.90
CA TRP A 208 -6.36 8.86 17.11
C TRP A 208 -6.67 9.10 18.58
N VAL A 209 -6.18 8.22 19.45
CA VAL A 209 -6.42 8.35 20.88
C VAL A 209 -5.89 9.68 21.41
N ILE A 210 -4.65 10.00 21.04
CA ILE A 210 -4.03 11.23 21.50
C ILE A 210 -4.78 12.47 21.05
N GLN A 211 -5.20 12.49 19.79
CA GLN A 211 -5.93 13.64 19.27
C GLN A 211 -7.35 13.74 19.81
N GLU A 212 -8.06 12.61 19.84
CA GLU A 212 -9.43 12.59 20.32
C GLU A 212 -9.59 12.89 21.81
N PHE A 213 -8.66 12.42 22.62
CA PHE A 213 -8.74 12.65 24.06
C PHE A 213 -7.71 13.63 24.60
N LYS A 214 -7.02 14.32 23.69
CA LYS A 214 -6.02 15.32 24.06
C LYS A 214 -4.98 14.83 25.05
N LEU A 215 -4.30 13.73 24.72
CA LEU A 215 -3.27 13.17 25.57
C LEU A 215 -1.88 13.43 24.97
N TRP A 216 -1.53 14.71 24.83
CA TRP A 216 -0.25 15.09 24.24
C TRP A 216 0.92 15.22 25.21
N ASP A 217 0.61 15.50 26.47
CA ASP A 217 1.61 15.71 27.51
C ASP A 217 2.88 14.87 27.58
N ASN A 218 2.78 13.56 27.34
CA ASN A 218 3.98 12.73 27.44
C ASN A 218 4.43 12.05 26.15
N GLU A 219 3.84 12.41 25.02
CA GLU A 219 4.21 11.76 23.77
C GLU A 219 5.58 12.11 23.21
N LEU A 220 6.04 13.34 23.42
CA LEU A 220 7.35 13.70 22.91
C LEU A 220 8.42 12.91 23.66
N GLN A 221 8.17 12.66 24.94
CA GLN A 221 9.10 11.90 25.77
C GLN A 221 9.14 10.47 25.23
N TYR A 222 7.97 9.96 24.83
CA TYR A 222 7.87 8.61 24.30
C TYR A 222 8.64 8.53 22.99
N VAL A 223 8.46 9.56 22.15
CA VAL A 223 9.16 9.63 20.87
C VAL A 223 10.68 9.62 21.10
N ASP A 224 11.15 10.43 22.05
CA ASP A 224 12.58 10.47 22.31
C ASP A 224 13.11 9.12 22.78
N GLN A 225 12.31 8.40 23.57
CA GLN A 225 12.73 7.09 24.05
C GLN A 225 12.90 6.10 22.89
N LEU A 226 11.94 6.09 21.98
CA LEU A 226 12.01 5.18 20.85
C LEU A 226 13.10 5.56 19.85
N LEU A 227 13.39 6.85 19.72
CA LEU A 227 14.45 7.28 18.82
C LEU A 227 15.81 6.85 19.38
N LYS A 228 15.89 6.77 20.70
CA LYS A 228 17.14 6.33 21.33
C LYS A 228 17.33 4.85 21.03
N GLU A 229 16.23 4.10 21.05
CA GLU A 229 16.26 2.66 20.78
C GLU A 229 16.61 2.39 19.32
N ASP A 230 15.99 3.12 18.40
CA ASP A 230 16.27 2.95 16.97
C ASP A 230 16.01 4.27 16.26
N VAL A 231 17.08 5.03 16.05
CA VAL A 231 16.98 6.34 15.41
C VAL A 231 16.59 6.23 13.93
N ARG A 232 16.55 5.01 13.41
CA ARG A 232 16.17 4.79 12.01
C ARG A 232 14.68 4.45 11.89
N ASN A 233 13.96 4.48 13.01
CA ASN A 233 12.53 4.15 12.96
C ASN A 233 11.75 5.33 12.40
N ASN A 234 11.42 5.25 11.12
CA ASN A 234 10.70 6.31 10.45
C ASN A 234 9.32 6.61 11.06
N SER A 235 8.70 5.59 11.66
CA SER A 235 7.39 5.77 12.27
C SER A 235 7.48 6.73 13.45
N VAL A 236 8.63 6.71 14.14
CA VAL A 236 8.83 7.57 15.29
C VAL A 236 9.10 9.01 14.86
N TRP A 237 9.83 9.18 13.76
CA TRP A 237 10.09 10.51 13.26
C TRP A 237 8.75 11.12 12.82
N ASN A 238 7.88 10.28 12.26
CA ASN A 238 6.57 10.79 11.86
C ASN A 238 5.79 11.21 13.09
N GLN A 239 5.89 10.42 14.16
CA GLN A 239 5.17 10.76 15.39
C GLN A 239 5.73 12.06 15.96
N ARG A 240 7.03 12.29 15.78
CA ARG A 240 7.64 13.52 16.26
C ARG A 240 6.99 14.72 15.59
N TYR A 241 6.83 14.65 14.27
CA TYR A 241 6.20 15.74 13.54
C TYR A 241 4.75 15.90 14.01
N PHE A 242 4.07 14.78 14.17
CA PHE A 242 2.69 14.75 14.62
C PHE A 242 2.50 15.49 15.94
N VAL A 243 3.34 15.18 16.92
CA VAL A 243 3.25 15.81 18.24
C VAL A 243 3.56 17.30 18.22
N ILE A 244 4.68 17.68 17.61
CA ILE A 244 5.07 19.08 17.57
C ILE A 244 4.11 19.97 16.79
N SER A 245 3.70 19.53 15.61
CA SER A 245 2.78 20.32 14.80
C SER A 245 1.44 20.54 15.48
N ASN A 246 1.03 19.60 16.33
CA ASN A 246 -0.25 19.72 17.02
C ASN A 246 -0.19 20.34 18.40
N THR A 247 1.01 20.62 18.90
CA THR A 247 1.16 21.22 20.21
C THR A 247 1.70 22.64 20.11
N THR A 248 3.03 22.77 20.01
CA THR A 248 3.66 24.08 19.90
C THR A 248 3.65 24.63 18.48
N GLY A 249 3.68 23.72 17.50
CA GLY A 249 3.72 24.13 16.12
C GLY A 249 5.18 24.39 15.79
N TYR A 250 5.49 24.64 14.53
CA TYR A 250 6.87 24.90 14.13
C TYR A 250 7.14 26.37 13.83
N ASN A 251 6.14 27.23 14.01
CA ASN A 251 6.32 28.65 13.74
C ASN A 251 7.15 29.31 14.84
N ASP A 252 7.11 28.72 16.03
CA ASP A 252 7.89 29.23 17.15
C ASP A 252 9.35 28.99 16.77
N ARG A 253 10.08 30.06 16.46
CA ARG A 253 11.47 29.92 16.05
C ARG A 253 12.36 29.23 17.07
N ALA A 254 11.99 29.28 18.34
CA ALA A 254 12.78 28.61 19.37
C ALA A 254 12.62 27.10 19.18
N VAL A 255 11.39 26.68 18.92
CA VAL A 255 11.09 25.26 18.71
C VAL A 255 11.76 24.77 17.44
N LEU A 256 11.64 25.55 16.36
CA LEU A 256 12.24 25.15 15.09
C LEU A 256 13.75 24.99 15.23
N GLU A 257 14.41 25.91 15.92
CA GLU A 257 15.86 25.83 16.11
C GLU A 257 16.21 24.58 16.91
N ARG A 258 15.42 24.28 17.94
CA ARG A 258 15.64 23.10 18.76
C ARG A 258 15.58 21.85 17.89
N GLU A 259 14.58 21.81 17.03
CA GLU A 259 14.37 20.66 16.14
C GLU A 259 15.47 20.53 15.08
N VAL A 260 15.89 21.65 14.50
CA VAL A 260 16.94 21.60 13.50
C VAL A 260 18.25 21.15 14.14
N GLN A 261 18.54 21.66 15.34
CA GLN A 261 19.76 21.28 16.05
C GLN A 261 19.76 19.79 16.37
N TYR A 262 18.63 19.31 16.90
CA TYR A 262 18.49 17.91 17.26
C TYR A 262 18.69 17.01 16.04
N THR A 263 18.03 17.35 14.95
CA THR A 263 18.12 16.56 13.73
C THR A 263 19.54 16.54 13.18
N LEU A 264 20.20 17.70 13.20
CA LEU A 264 21.58 17.77 12.71
C LEU A 264 22.50 16.92 13.59
N GLU A 265 22.21 16.87 14.88
CA GLU A 265 23.01 16.05 15.80
C GLU A 265 22.83 14.57 15.46
N MET A 266 21.59 14.19 15.12
CA MET A 266 21.32 12.80 14.78
C MET A 266 21.99 12.44 13.46
N ILE A 267 22.01 13.38 12.53
CA ILE A 267 22.65 13.16 11.24
C ILE A 267 24.15 12.95 11.42
N LYS A 268 24.75 13.74 12.30
CA LYS A 268 26.19 13.61 12.56
C LYS A 268 26.52 12.24 13.15
N LEU A 269 25.63 11.74 14.01
CA LEU A 269 25.83 10.44 14.64
C LEU A 269 25.65 9.29 13.66
N VAL A 270 24.65 9.41 12.78
CA VAL A 270 24.36 8.37 11.79
C VAL A 270 24.09 9.05 10.45
N PRO A 271 25.16 9.51 9.77
CA PRO A 271 25.11 10.20 8.47
C PRO A 271 24.30 9.55 7.35
N HIS A 272 24.18 8.23 7.36
CA HIS A 272 23.42 7.56 6.31
C HIS A 272 22.01 7.14 6.69
N ASN A 273 21.49 7.69 7.78
CA ASN A 273 20.12 7.39 8.20
C ASN A 273 19.21 8.36 7.46
N GLU A 274 18.47 7.84 6.47
CA GLU A 274 17.59 8.69 5.67
C GLU A 274 16.47 9.40 6.42
N SER A 275 15.91 8.77 7.45
CA SER A 275 14.82 9.38 8.20
C SER A 275 15.13 10.77 8.76
N ALA A 276 16.33 10.93 9.33
CA ALA A 276 16.72 12.23 9.89
C ALA A 276 16.80 13.28 8.79
N TRP A 277 17.40 12.90 7.66
CA TRP A 277 17.51 13.82 6.53
C TRP A 277 16.12 14.23 6.03
N ASN A 278 15.20 13.28 5.96
CA ASN A 278 13.86 13.57 5.49
C ASN A 278 13.10 14.47 6.45
N TYR A 279 13.35 14.32 7.75
CA TYR A 279 12.68 15.13 8.74
C TYR A 279 13.22 16.56 8.65
N LEU A 280 14.53 16.69 8.46
CA LEU A 280 15.13 18.01 8.34
C LEU A 280 14.48 18.77 7.18
N LYS A 281 14.33 18.10 6.04
CA LYS A 281 13.72 18.73 4.90
C LYS A 281 12.23 19.00 5.18
N GLY A 282 11.58 18.04 5.83
CA GLY A 282 10.17 18.18 6.15
C GLY A 282 9.78 19.39 6.98
N ILE A 283 10.60 19.72 7.97
CA ILE A 283 10.27 20.86 8.82
C ILE A 283 10.70 22.21 8.27
N LEU A 284 11.39 22.21 7.13
CA LEU A 284 11.85 23.45 6.51
C LEU A 284 11.31 23.73 5.11
N GLN A 285 10.82 22.69 4.45
CA GLN A 285 10.33 22.83 3.07
C GLN A 285 9.20 23.81 2.78
N ASP A 286 8.20 23.89 3.64
CA ASP A 286 7.09 24.80 3.36
C ASP A 286 7.49 26.27 3.33
N ARG A 287 8.39 26.68 4.22
CA ARG A 287 8.85 28.06 4.23
C ARG A 287 9.85 28.25 3.09
N GLY A 288 10.54 27.17 2.75
CA GLY A 288 11.52 27.23 1.68
C GLY A 288 12.92 27.00 2.21
N LEU A 289 13.60 25.99 1.67
CA LEU A 289 14.95 25.67 2.12
C LEU A 289 15.93 26.83 1.93
N SER A 290 15.66 27.69 0.96
CA SER A 290 16.55 28.83 0.70
C SER A 290 16.43 29.92 1.76
N LYS A 291 15.42 29.79 2.64
CA LYS A 291 15.20 30.78 3.69
C LYS A 291 16.13 30.56 4.88
N TYR A 292 16.94 29.50 4.83
CA TYR A 292 17.85 29.18 5.91
C TYR A 292 19.29 29.16 5.39
N PRO A 293 19.87 30.34 5.15
CA PRO A 293 21.24 30.50 4.64
C PRO A 293 22.36 29.81 5.41
N ASN A 294 22.25 29.78 6.73
CA ASN A 294 23.30 29.15 7.53
C ASN A 294 23.33 27.63 7.36
N LEU A 295 22.19 27.04 7.04
CA LEU A 295 22.14 25.59 6.86
C LEU A 295 22.96 25.19 5.65
N LEU A 296 22.89 25.99 4.59
CA LEU A 296 23.66 25.70 3.37
C LEU A 296 25.15 25.68 3.69
N ASN A 297 25.61 26.69 4.42
CA ASN A 297 27.02 26.79 4.79
C ASN A 297 27.48 25.59 5.60
N GLN A 298 26.68 25.20 6.59
CA GLN A 298 27.03 24.06 7.43
C GLN A 298 27.11 22.77 6.64
N LEU A 299 26.16 22.55 5.73
CA LEU A 299 26.17 21.34 4.93
C LEU A 299 27.36 21.32 3.96
N LEU A 300 27.72 22.49 3.45
CA LEU A 300 28.85 22.59 2.53
C LEU A 300 30.17 22.26 3.24
N ASP A 301 30.21 22.48 4.54
CA ASP A 301 31.41 22.20 5.33
C ASP A 301 31.56 20.70 5.60
N LEU A 302 30.43 20.02 5.77
CA LEU A 302 30.42 18.59 6.03
C LEU A 302 30.52 17.74 4.77
N GLN A 303 30.22 18.35 3.63
CA GLN A 303 30.25 17.65 2.35
C GLN A 303 31.56 16.92 2.09
N PRO A 304 32.71 17.63 2.18
CA PRO A 304 34.01 16.99 1.93
C PRO A 304 34.29 15.73 2.75
N SER A 305 33.67 15.65 3.92
CA SER A 305 33.89 14.49 4.79
C SER A 305 32.65 13.58 4.86
N HIS A 306 31.52 14.09 4.39
CA HIS A 306 30.28 13.32 4.40
C HIS A 306 29.50 13.50 3.10
N SER A 307 30.16 13.24 1.98
CA SER A 307 29.53 13.37 0.66
C SER A 307 28.57 12.23 0.38
N SER A 308 27.57 12.05 1.23
CA SER A 308 26.58 11.00 1.05
C SER A 308 25.56 11.47 0.02
N PRO A 309 24.79 10.54 -0.56
CA PRO A 309 23.79 10.97 -1.54
C PRO A 309 22.73 11.85 -0.88
N TYR A 310 22.52 11.65 0.42
CA TYR A 310 21.53 12.43 1.16
C TYR A 310 21.93 13.89 1.29
N LEU A 311 23.20 14.13 1.59
CA LEU A 311 23.69 15.49 1.73
C LEU A 311 23.70 16.19 0.37
N ILE A 312 24.20 15.49 -0.64
CA ILE A 312 24.27 16.05 -1.99
C ILE A 312 22.89 16.39 -2.53
N ALA A 313 21.93 15.49 -2.29
CA ALA A 313 20.56 15.73 -2.73
C ALA A 313 19.96 16.93 -2.01
N PHE A 314 20.28 17.07 -0.73
CA PHE A 314 19.75 18.18 0.06
C PHE A 314 20.29 19.49 -0.51
N LEU A 315 21.55 19.48 -0.94
CA LEU A 315 22.16 20.67 -1.53
C LEU A 315 21.41 21.06 -2.80
N VAL A 316 21.07 20.07 -3.61
CA VAL A 316 20.34 20.35 -4.84
C VAL A 316 18.97 20.94 -4.48
N ASP A 317 18.34 20.39 -3.44
CA ASP A 317 17.04 20.88 -3.00
C ASP A 317 17.14 22.36 -2.59
N ILE A 318 18.22 22.72 -1.91
CA ILE A 318 18.42 24.10 -1.48
C ILE A 318 18.59 25.00 -2.71
N TYR A 319 19.44 24.57 -3.64
CA TYR A 319 19.69 25.34 -4.86
C TYR A 319 18.39 25.53 -5.65
N GLU A 320 17.57 24.49 -5.72
CA GLU A 320 16.30 24.58 -6.44
C GLU A 320 15.46 25.72 -5.88
N ASP A 321 15.34 25.77 -4.56
CA ASP A 321 14.55 26.80 -3.91
C ASP A 321 15.19 28.18 -4.05
N MET A 322 16.51 28.24 -3.99
CA MET A 322 17.22 29.50 -4.13
C MET A 322 16.92 30.11 -5.49
N LEU A 323 16.99 29.29 -6.54
CA LEU A 323 16.73 29.75 -7.89
C LEU A 323 15.27 30.16 -8.06
N GLU A 324 14.41 29.59 -7.24
CA GLU A 324 12.98 29.88 -7.29
C GLU A 324 12.67 31.20 -6.58
N ASN A 325 13.62 31.70 -5.80
CA ASN A 325 13.43 32.93 -5.05
C ASN A 325 14.39 34.05 -5.45
N GLN A 326 14.68 34.14 -6.75
CA GLN A 326 15.58 35.16 -7.27
C GLN A 326 16.82 35.36 -6.42
N CYS A 327 17.57 34.29 -6.21
CA CYS A 327 18.79 34.37 -5.42
C CYS A 327 19.83 35.15 -6.20
N ASP A 328 20.90 35.56 -5.53
CA ASP A 328 21.95 36.30 -6.19
C ASP A 328 22.91 35.26 -6.77
N ASN A 329 23.66 35.64 -7.81
CA ASN A 329 24.60 34.72 -8.44
C ASN A 329 23.83 33.53 -9.02
N LYS A 330 22.70 33.83 -9.65
CA LYS A 330 21.84 32.83 -10.26
C LYS A 330 22.59 31.84 -11.16
N GLU A 331 23.41 32.36 -12.07
CA GLU A 331 24.16 31.51 -12.99
C GLU A 331 25.07 30.53 -12.25
N ASP A 332 25.74 31.02 -11.22
CA ASP A 332 26.64 30.18 -10.44
C ASP A 332 25.88 29.08 -9.72
N ILE A 333 24.74 29.43 -9.14
CA ILE A 333 23.91 28.47 -8.42
C ILE A 333 23.37 27.40 -9.36
N LEU A 334 22.91 27.82 -10.54
CA LEU A 334 22.38 26.87 -11.51
C LEU A 334 23.49 25.90 -11.93
N ASN A 335 24.68 26.43 -12.19
CA ASN A 335 25.79 25.59 -12.60
C ASN A 335 26.12 24.56 -11.51
N LYS A 336 26.14 25.00 -10.26
CA LYS A 336 26.44 24.10 -9.16
C LYS A 336 25.37 23.03 -9.03
N ALA A 337 24.11 23.42 -9.19
CA ALA A 337 23.01 22.48 -9.07
C ALA A 337 23.08 21.44 -10.19
N LEU A 338 23.38 21.88 -11.41
CA LEU A 338 23.46 20.94 -12.53
C LEU A 338 24.64 19.99 -12.34
N GLU A 339 25.74 20.48 -11.79
CA GLU A 339 26.91 19.64 -11.56
C GLU A 339 26.55 18.52 -10.58
N LEU A 340 25.82 18.87 -9.54
CA LEU A 340 25.42 17.88 -8.54
C LEU A 340 24.42 16.88 -9.09
N CYS A 341 23.52 17.35 -9.95
CA CYS A 341 22.54 16.45 -10.56
C CYS A 341 23.26 15.38 -11.38
N GLU A 342 24.32 15.79 -12.07
CA GLU A 342 25.11 14.86 -12.87
C GLU A 342 25.84 13.86 -11.99
N ILE A 343 26.44 14.35 -10.90
CA ILE A 343 27.16 13.48 -9.98
C ILE A 343 26.22 12.46 -9.37
N LEU A 344 25.00 12.89 -9.03
CA LEU A 344 24.01 12.00 -8.45
C LEU A 344 23.55 10.96 -9.47
N ALA A 345 23.28 11.40 -10.70
CA ALA A 345 22.81 10.49 -11.73
C ALA A 345 23.84 9.47 -12.19
N LYS A 346 25.10 9.90 -12.30
CA LYS A 346 26.16 9.03 -12.79
C LYS A 346 26.95 8.25 -11.75
N GLU A 347 27.03 8.75 -10.53
CA GLU A 347 27.84 8.07 -9.52
C GLU A 347 27.27 7.84 -8.13
N LYS A 348 26.77 8.91 -7.50
CA LYS A 348 26.30 8.83 -6.12
C LYS A 348 24.88 8.32 -5.85
N ASP A 349 23.99 8.40 -6.83
CA ASP A 349 22.62 7.95 -6.62
C ASP A 349 22.05 7.47 -7.95
N THR A 350 22.78 6.56 -8.58
CA THR A 350 22.40 6.03 -9.88
C THR A 350 21.04 5.34 -9.97
N ILE A 351 20.53 4.83 -8.87
CA ILE A 351 19.23 4.18 -8.92
C ILE A 351 18.17 5.22 -9.31
N ARG A 352 18.47 6.48 -9.02
CA ARG A 352 17.56 7.58 -9.33
C ARG A 352 18.04 8.44 -10.51
N LYS A 353 18.80 7.82 -11.42
CA LYS A 353 19.32 8.52 -12.59
C LYS A 353 18.24 9.28 -13.35
N GLU A 354 17.10 8.63 -13.64
CA GLU A 354 16.04 9.31 -14.38
C GLU A 354 15.48 10.51 -13.63
N TYR A 355 15.34 10.39 -12.31
CA TYR A 355 14.83 11.50 -11.51
C TYR A 355 15.81 12.67 -11.56
N TRP A 356 17.09 12.40 -11.33
CA TRP A 356 18.08 13.46 -11.34
C TRP A 356 18.25 14.11 -12.71
N ARG A 357 18.07 13.34 -13.78
CA ARG A 357 18.18 13.90 -15.12
C ARG A 357 17.00 14.83 -15.32
N TYR A 358 15.83 14.43 -14.81
CA TYR A 358 14.63 15.23 -14.91
C TYR A 358 14.82 16.54 -14.15
N ILE A 359 15.38 16.45 -12.94
CA ILE A 359 15.61 17.67 -12.17
C ILE A 359 16.55 18.60 -12.94
N GLY A 360 17.58 18.04 -13.56
CA GLY A 360 18.50 18.85 -14.34
C GLY A 360 17.81 19.59 -15.45
N ARG A 361 16.96 18.88 -16.19
CA ARG A 361 16.21 19.51 -17.29
C ARG A 361 15.22 20.54 -16.75
N SER A 362 14.59 20.23 -15.62
CA SER A 362 13.63 21.13 -14.99
C SER A 362 14.29 22.45 -14.63
N LEU A 363 15.46 22.36 -13.99
CA LEU A 363 16.20 23.55 -13.59
C LEU A 363 16.50 24.43 -14.79
N GLN A 364 16.88 23.81 -15.90
CA GLN A 364 17.20 24.56 -17.11
C GLN A 364 15.97 25.20 -17.75
N SER A 365 14.82 24.56 -17.60
CA SER A 365 13.59 25.07 -18.18
C SER A 365 13.06 26.26 -17.39
N LYS A 366 13.48 26.36 -16.14
CA LYS A 366 13.01 27.43 -15.27
C LYS A 366 13.97 28.58 -15.01
N HIS A 367 15.28 28.33 -15.09
CA HIS A 367 16.25 29.38 -14.76
C HIS A 367 17.39 29.68 -15.71
N SER A 368 17.30 29.24 -16.96
CA SER A 368 18.39 29.49 -17.90
C SER A 368 18.63 30.96 -18.26
N THR A 369 17.57 31.67 -18.62
CA THR A 369 17.71 33.09 -18.97
C THR A 369 18.75 33.27 -20.08
N SER B 15 28.89 -4.95 -29.70
CA SER B 15 28.36 -4.96 -28.30
C SER B 15 28.40 -6.38 -27.72
N SER B 16 27.28 -6.80 -27.13
CA SER B 16 27.19 -8.13 -26.53
C SER B 16 26.46 -9.12 -27.43
N PRO B 17 26.88 -10.40 -27.39
CA PRO B 17 26.21 -11.41 -28.20
C PRO B 17 24.77 -11.49 -27.67
N VAL B 18 23.83 -11.97 -28.47
CA VAL B 18 22.44 -12.04 -28.03
C VAL B 18 22.21 -12.95 -26.83
N TRP B 19 23.14 -13.86 -26.56
CA TRP B 19 22.98 -14.80 -25.46
C TRP B 19 23.54 -14.35 -24.11
N SER B 20 24.03 -13.12 -24.03
CA SER B 20 24.53 -12.60 -22.77
C SER B 20 24.03 -11.17 -22.64
N GLU B 21 23.42 -10.87 -21.51
CA GLU B 21 22.88 -9.53 -21.28
C GLU B 21 23.37 -8.98 -19.94
N PRO B 22 24.29 -8.01 -19.98
CA PRO B 22 24.82 -7.40 -18.76
C PRO B 22 23.70 -6.85 -17.89
N LEU B 23 23.84 -7.01 -16.57
CA LEU B 23 22.83 -6.54 -15.63
C LEU B 23 23.36 -5.45 -14.70
N TYR B 24 22.49 -4.51 -14.39
CA TYR B 24 22.81 -3.39 -13.51
C TYR B 24 23.27 -3.89 -12.13
N SER B 25 22.51 -4.85 -11.59
CA SER B 25 22.80 -5.40 -10.27
C SER B 25 24.10 -6.18 -10.19
N LEU B 26 24.67 -6.49 -11.35
CA LEU B 26 25.93 -7.25 -11.42
C LEU B 26 27.16 -6.41 -11.74
N ARG B 27 26.97 -5.11 -11.94
CA ARG B 27 28.10 -4.23 -12.23
C ARG B 27 29.03 -4.25 -11.02
N PRO B 28 30.35 -4.13 -11.25
CA PRO B 28 31.27 -4.14 -10.11
C PRO B 28 31.00 -3.03 -9.11
N GLU B 29 30.60 -1.87 -9.60
CA GLU B 29 30.34 -0.73 -8.73
C GLU B 29 29.05 -0.90 -7.92
N HIS B 30 28.26 -1.90 -8.25
CA HIS B 30 27.01 -2.10 -7.52
C HIS B 30 27.24 -2.47 -6.06
N ALA B 31 28.41 -3.03 -5.77
CA ALA B 31 28.74 -3.40 -4.40
C ALA B 31 28.84 -2.18 -3.49
N ARG B 32 29.11 -1.02 -4.09
CA ARG B 32 29.22 0.22 -3.32
C ARG B 32 27.86 0.67 -2.81
N GLU B 33 26.81 0.01 -3.29
CA GLU B 33 25.45 0.37 -2.89
C GLU B 33 24.99 -0.38 -1.64
N ARG B 34 25.85 -1.23 -1.09
CA ARG B 34 25.53 -1.96 0.11
C ARG B 34 25.33 -0.97 1.25
N LEU B 35 24.53 -1.35 2.23
CA LEU B 35 24.24 -0.49 3.36
C LEU B 35 25.46 -0.01 4.14
N GLN B 36 25.47 1.27 4.48
CA GLN B 36 26.53 1.86 5.28
C GLN B 36 25.83 2.19 6.59
N ASP B 37 26.08 1.41 7.63
CA ASP B 37 25.43 1.62 8.92
C ASP B 37 26.14 2.59 9.86
N ASP B 38 27.21 3.23 9.38
CA ASP B 38 27.96 4.19 10.18
C ASP B 38 28.45 3.61 11.50
N SER B 39 28.58 2.29 11.56
CA SER B 39 29.02 1.60 12.77
C SER B 39 28.06 1.81 13.93
N VAL B 40 26.80 2.08 13.60
CA VAL B 40 25.77 2.27 14.60
C VAL B 40 24.65 1.30 14.25
N GLU B 41 24.60 0.17 14.95
CA GLU B 41 23.58 -0.83 14.67
C GLU B 41 22.29 -0.65 15.44
N THR B 42 21.18 -0.81 14.72
CA THR B 42 19.85 -0.74 15.33
C THR B 42 19.08 -1.87 14.64
N VAL B 43 17.89 -2.19 15.15
CA VAL B 43 17.09 -3.26 14.57
C VAL B 43 16.91 -3.03 13.06
N THR B 44 16.69 -1.78 12.68
CA THR B 44 16.50 -1.44 11.27
C THR B 44 17.68 -1.82 10.38
N SER B 45 18.89 -1.42 10.78
CA SER B 45 20.07 -1.71 9.97
C SER B 45 20.41 -3.20 9.98
N ILE B 46 20.23 -3.85 11.13
CA ILE B 46 20.52 -5.27 11.23
C ILE B 46 19.65 -6.06 10.24
N GLU B 47 18.36 -5.75 10.21
CA GLU B 47 17.45 -6.45 9.30
C GLU B 47 17.75 -6.14 7.84
N GLN B 48 18.07 -4.88 7.54
CA GLN B 48 18.39 -4.47 6.18
C GLN B 48 19.62 -5.21 5.68
N ALA B 49 20.65 -5.29 6.52
CA ALA B 49 21.89 -5.96 6.15
C ALA B 49 21.67 -7.44 5.87
N LYS B 50 20.79 -8.07 6.65
CA LYS B 50 20.50 -9.48 6.47
C LYS B 50 19.87 -9.72 5.10
N VAL B 51 18.97 -8.84 4.70
CA VAL B 51 18.32 -8.97 3.40
C VAL B 51 19.33 -8.76 2.28
N GLU B 52 20.16 -7.74 2.40
CA GLU B 52 21.15 -7.46 1.36
C GLU B 52 22.12 -8.62 1.17
N GLU B 53 22.50 -9.28 2.27
CA GLU B 53 23.41 -10.40 2.20
C GLU B 53 22.80 -11.52 1.35
N LYS B 54 21.53 -11.83 1.62
CA LYS B 54 20.84 -12.87 0.86
C LYS B 54 20.66 -12.48 -0.60
N ILE B 55 20.29 -11.22 -0.83
CA ILE B 55 20.09 -10.74 -2.19
C ILE B 55 21.38 -10.79 -3.01
N GLN B 56 22.50 -10.46 -2.39
CA GLN B 56 23.78 -10.51 -3.12
C GLN B 56 24.05 -11.95 -3.55
N GLU B 57 23.75 -12.90 -2.68
CA GLU B 57 23.96 -14.31 -3.01
C GLU B 57 23.11 -14.67 -4.22
N VAL B 58 21.87 -14.20 -4.24
CA VAL B 58 20.98 -14.48 -5.35
C VAL B 58 21.51 -13.85 -6.64
N PHE B 59 21.86 -12.57 -6.58
CA PHE B 59 22.40 -11.86 -7.74
C PHE B 59 23.60 -12.62 -8.32
N SER B 60 24.53 -13.01 -7.46
CA SER B 60 25.72 -13.71 -7.90
C SER B 60 25.45 -15.05 -8.58
N SER B 61 24.32 -15.67 -8.26
CA SER B 61 24.00 -16.95 -8.86
C SER B 61 23.58 -16.83 -10.32
N TYR B 62 23.39 -15.60 -10.80
CA TYR B 62 23.00 -15.37 -12.18
C TYR B 62 24.17 -14.87 -13.03
N LYS B 63 25.35 -14.80 -12.40
CA LYS B 63 26.56 -14.34 -13.09
C LYS B 63 27.60 -15.45 -13.16
N PHE B 64 28.17 -15.64 -14.34
CA PHE B 64 29.21 -16.65 -14.56
C PHE B 64 30.35 -15.90 -15.22
N ASN B 65 31.01 -15.08 -14.41
CA ASN B 65 32.08 -14.23 -14.86
C ASN B 65 31.52 -13.34 -15.97
N HIS B 66 32.08 -13.37 -17.18
CA HIS B 66 31.57 -12.51 -18.24
C HIS B 66 30.32 -13.04 -18.95
N LEU B 67 29.90 -14.26 -18.59
CA LEU B 67 28.71 -14.86 -19.16
C LEU B 67 27.53 -14.55 -18.24
N VAL B 68 26.54 -13.83 -18.78
CA VAL B 68 25.35 -13.47 -18.00
C VAL B 68 24.11 -13.82 -18.81
N PRO B 69 23.63 -15.07 -18.69
CA PRO B 69 22.45 -15.54 -19.42
C PRO B 69 21.23 -14.66 -19.23
N ARG B 70 20.42 -14.53 -20.27
CA ARG B 70 19.22 -13.71 -20.20
C ARG B 70 18.27 -14.25 -19.13
N LEU B 71 17.64 -13.32 -18.41
CA LEU B 71 16.70 -13.68 -17.36
C LEU B 71 15.40 -14.20 -17.97
N VAL B 72 14.76 -15.13 -17.25
CA VAL B 72 13.53 -15.74 -17.74
C VAL B 72 12.37 -15.71 -16.75
N LEU B 73 11.23 -15.21 -17.22
CA LEU B 73 10.01 -15.19 -16.42
C LEU B 73 9.44 -16.60 -16.65
N GLN B 74 9.25 -17.36 -15.58
CA GLN B 74 8.72 -18.73 -15.70
C GLN B 74 7.21 -18.74 -15.92
N ARG B 75 6.78 -18.18 -17.05
CA ARG B 75 5.36 -18.07 -17.39
C ARG B 75 4.54 -19.35 -17.23
N GLU B 76 5.03 -20.47 -17.75
CA GLU B 76 4.27 -21.72 -17.64
C GLU B 76 4.05 -22.16 -16.20
N LYS B 77 5.07 -22.05 -15.37
CA LYS B 77 4.94 -22.43 -13.96
C LYS B 77 3.92 -21.52 -13.29
N HIS B 78 3.99 -20.23 -13.58
CA HIS B 78 3.05 -19.29 -12.99
C HIS B 78 1.64 -19.59 -13.45
N PHE B 79 1.48 -19.89 -14.74
CA PHE B 79 0.18 -20.20 -15.30
C PHE B 79 -0.49 -21.38 -14.59
N HIS B 80 0.23 -22.48 -14.43
CA HIS B 80 -0.34 -23.65 -13.79
C HIS B 80 -0.76 -23.41 -12.35
N TYR B 81 0.03 -22.62 -11.62
CA TYR B 81 -0.25 -22.26 -10.24
C TYR B 81 -1.55 -21.45 -10.20
N LEU B 82 -1.67 -20.48 -11.09
CA LEU B 82 -2.85 -19.63 -11.16
C LEU B 82 -4.11 -20.38 -11.60
N LYS B 83 -3.97 -21.23 -12.61
CA LYS B 83 -5.10 -21.99 -13.12
C LYS B 83 -5.72 -22.86 -12.03
N ARG B 84 -4.87 -23.46 -11.22
CA ARG B 84 -5.34 -24.31 -10.13
C ARG B 84 -6.04 -23.48 -9.06
N GLY B 85 -5.41 -22.37 -8.66
CA GLY B 85 -5.99 -21.53 -7.63
C GLY B 85 -7.34 -20.91 -7.97
N LEU B 86 -7.57 -20.66 -9.26
CA LEU B 86 -8.83 -20.06 -9.69
C LEU B 86 -10.00 -21.00 -9.38
N ARG B 87 -9.70 -22.28 -9.24
CA ARG B 87 -10.73 -23.26 -8.95
C ARG B 87 -10.76 -23.69 -7.49
N GLN B 88 -9.61 -24.06 -6.95
CA GLN B 88 -9.56 -24.54 -5.58
C GLN B 88 -8.36 -24.04 -4.78
N LEU B 89 -8.55 -23.90 -3.48
CA LEU B 89 -7.53 -23.42 -2.57
C LEU B 89 -7.49 -24.29 -1.32
N THR B 90 -6.31 -24.49 -0.75
CA THR B 90 -6.18 -25.31 0.45
C THR B 90 -6.69 -24.50 1.65
N ASP B 91 -6.85 -25.16 2.79
CA ASP B 91 -7.35 -24.47 3.98
C ASP B 91 -6.37 -23.41 4.45
N ALA B 92 -5.22 -23.31 3.77
CA ALA B 92 -4.23 -22.30 4.12
C ALA B 92 -4.81 -20.93 3.80
N TYR B 93 -5.88 -20.93 3.01
CA TYR B 93 -6.52 -19.68 2.62
C TYR B 93 -7.80 -19.38 3.41
N GLU B 94 -7.98 -20.08 4.53
CA GLU B 94 -9.15 -19.81 5.36
C GLU B 94 -9.07 -18.37 5.87
N CYS B 95 -7.86 -17.87 6.03
CA CYS B 95 -7.65 -16.51 6.51
C CYS B 95 -8.12 -15.47 5.49
N LEU B 96 -8.44 -15.93 4.28
CA LEU B 96 -8.91 -15.04 3.24
C LEU B 96 -10.34 -15.37 2.80
N ASP B 97 -11.08 -16.03 3.69
CA ASP B 97 -12.47 -16.40 3.41
C ASP B 97 -13.38 -15.19 3.27
N ALA B 98 -12.90 -14.02 3.70
CA ALA B 98 -13.65 -12.77 3.59
C ALA B 98 -13.01 -11.91 2.51
N SER B 99 -12.25 -12.55 1.63
CA SER B 99 -11.56 -11.86 0.54
C SER B 99 -11.60 -12.69 -0.75
N ARG B 100 -12.65 -13.47 -0.96
CA ARG B 100 -12.66 -14.27 -2.17
C ARG B 100 -12.69 -13.47 -3.47
N PRO B 101 -13.33 -12.29 -3.48
CA PRO B 101 -13.31 -11.54 -4.75
C PRO B 101 -11.87 -11.05 -5.01
N TRP B 102 -11.10 -10.86 -3.94
CA TRP B 102 -9.70 -10.44 -4.09
C TRP B 102 -8.96 -11.56 -4.81
N LEU B 103 -9.21 -12.80 -4.38
CA LEU B 103 -8.56 -13.95 -4.99
C LEU B 103 -8.93 -14.04 -6.47
N CYS B 104 -10.19 -13.76 -6.80
CA CYS B 104 -10.62 -13.79 -8.21
C CYS B 104 -9.83 -12.75 -9.00
N TYR B 105 -9.76 -11.53 -8.46
CA TYR B 105 -9.04 -10.45 -9.12
C TYR B 105 -7.54 -10.71 -9.25
N TRP B 106 -6.90 -11.08 -8.14
CA TRP B 106 -5.46 -11.33 -8.17
C TRP B 106 -5.09 -12.37 -9.21
N ILE B 107 -5.88 -13.45 -9.25
CA ILE B 107 -5.60 -14.53 -10.19
C ILE B 107 -5.93 -14.16 -11.63
N LEU B 108 -7.11 -13.58 -11.86
CA LEU B 108 -7.49 -13.20 -13.21
C LEU B 108 -6.56 -12.12 -13.78
N HIS B 109 -6.15 -11.16 -12.96
CA HIS B 109 -5.26 -10.12 -13.45
C HIS B 109 -3.89 -10.70 -13.78
N SER B 110 -3.44 -11.67 -12.98
CA SER B 110 -2.15 -12.31 -13.24
C SER B 110 -2.21 -13.03 -14.58
N LEU B 111 -3.30 -13.76 -14.81
CA LEU B 111 -3.48 -14.49 -16.06
C LEU B 111 -3.54 -13.50 -17.23
N GLU B 112 -4.22 -12.37 -17.02
CA GLU B 112 -4.34 -11.34 -18.03
C GLU B 112 -2.95 -10.79 -18.41
N LEU B 113 -2.13 -10.51 -17.41
CA LEU B 113 -0.79 -10.00 -17.66
C LEU B 113 0.04 -11.01 -18.43
N LEU B 114 -0.16 -12.29 -18.13
CA LEU B 114 0.59 -13.36 -18.80
C LEU B 114 -0.02 -13.75 -20.15
N ASP B 115 -1.05 -13.03 -20.56
CA ASP B 115 -1.73 -13.27 -21.82
C ASP B 115 -2.20 -14.72 -21.93
N GLU B 116 -2.71 -15.24 -20.83
CA GLU B 116 -3.24 -16.60 -20.78
C GLU B 116 -4.75 -16.49 -20.88
N PRO B 117 -5.33 -17.04 -21.96
CA PRO B 117 -6.78 -16.98 -22.16
C PRO B 117 -7.61 -17.60 -21.03
N ILE B 118 -8.78 -17.01 -20.80
CA ILE B 118 -9.69 -17.49 -19.77
C ILE B 118 -10.84 -18.23 -20.47
N PRO B 119 -10.94 -19.55 -20.28
CA PRO B 119 -12.00 -20.33 -20.90
C PRO B 119 -13.38 -19.74 -20.62
N GLN B 120 -14.26 -19.77 -21.62
CA GLN B 120 -15.60 -19.21 -21.46
C GLN B 120 -16.33 -19.78 -20.25
N ILE B 121 -16.19 -21.08 -20.02
CA ILE B 121 -16.85 -21.72 -18.90
C ILE B 121 -16.36 -21.17 -17.57
N VAL B 122 -15.05 -21.03 -17.44
CA VAL B 122 -14.47 -20.51 -16.20
C VAL B 122 -14.91 -19.07 -15.99
N ALA B 123 -14.97 -18.30 -17.06
CA ALA B 123 -15.39 -16.90 -16.99
C ALA B 123 -16.82 -16.80 -16.47
N THR B 124 -17.70 -17.63 -17.01
CA THR B 124 -19.09 -17.62 -16.58
C THR B 124 -19.21 -18.04 -15.11
N ASP B 125 -18.40 -19.02 -14.71
CA ASP B 125 -18.43 -19.48 -13.33
C ASP B 125 -18.00 -18.36 -12.38
N VAL B 126 -17.01 -17.57 -12.79
CA VAL B 126 -16.55 -16.47 -11.97
C VAL B 126 -17.68 -15.44 -11.84
N CYS B 127 -18.34 -15.16 -12.96
CA CYS B 127 -19.45 -14.21 -12.96
C CYS B 127 -20.54 -14.66 -11.98
N GLN B 128 -20.91 -15.93 -12.05
CA GLN B 128 -21.94 -16.46 -11.18
C GLN B 128 -21.54 -16.38 -9.70
N PHE B 129 -20.27 -16.66 -9.42
CA PHE B 129 -19.78 -16.59 -8.05
C PHE B 129 -19.81 -15.16 -7.51
N LEU B 130 -19.34 -14.20 -8.31
CA LEU B 130 -19.33 -12.82 -7.84
C LEU B 130 -20.77 -12.33 -7.65
N GLU B 131 -21.70 -12.86 -8.43
CA GLU B 131 -23.09 -12.48 -8.28
C GLU B 131 -23.57 -12.91 -6.90
N LEU B 132 -23.13 -14.10 -6.47
CA LEU B 132 -23.50 -14.62 -5.17
C LEU B 132 -22.87 -13.79 -4.04
N CYS B 133 -21.78 -13.09 -4.37
CA CYS B 133 -21.10 -12.25 -3.40
C CYS B 133 -21.72 -10.86 -3.33
N GLN B 134 -22.53 -10.51 -4.33
CA GLN B 134 -23.15 -9.20 -4.34
C GLN B 134 -24.25 -9.11 -3.29
N SER B 135 -24.24 -8.00 -2.56
CA SER B 135 -25.22 -7.78 -1.50
C SER B 135 -26.48 -7.11 -2.01
N PRO B 136 -27.63 -7.41 -1.38
CA PRO B 136 -28.88 -6.79 -1.83
C PRO B 136 -28.86 -5.28 -1.59
N GLU B 137 -28.03 -4.83 -0.65
CA GLU B 137 -27.94 -3.40 -0.35
C GLU B 137 -26.94 -2.71 -1.28
N GLY B 138 -26.32 -3.48 -2.16
CA GLY B 138 -25.34 -2.92 -3.08
C GLY B 138 -23.93 -3.27 -2.64
N GLY B 139 -23.00 -3.29 -3.60
CA GLY B 139 -21.63 -3.64 -3.29
C GLY B 139 -21.46 -5.15 -3.21
N PHE B 140 -20.22 -5.59 -3.00
CA PHE B 140 -19.92 -7.02 -2.90
C PHE B 140 -19.25 -7.32 -1.56
N GLY B 141 -19.50 -8.51 -1.03
CA GLY B 141 -18.88 -8.93 0.22
C GLY B 141 -17.73 -9.89 -0.07
N GLY B 142 -17.03 -10.31 0.98
CA GLY B 142 -15.90 -11.21 0.83
C GLY B 142 -16.26 -12.64 0.44
N GLY B 143 -17.55 -12.94 0.47
CA GLY B 143 -18.03 -14.26 0.11
C GLY B 143 -19.54 -14.22 0.12
N PRO B 144 -20.21 -15.30 -0.34
CA PRO B 144 -21.67 -15.34 -0.38
C PRO B 144 -22.30 -15.06 0.98
N GLY B 145 -23.24 -14.11 1.02
CA GLY B 145 -23.92 -13.80 2.25
C GLY B 145 -23.22 -12.83 3.20
N GLN B 146 -21.98 -12.47 2.88
CA GLN B 146 -21.23 -11.56 3.73
C GLN B 146 -21.67 -10.12 3.44
N TYR B 147 -21.56 -9.25 4.44
CA TYR B 147 -21.93 -7.85 4.26
C TYR B 147 -21.01 -7.26 3.20
N PRO B 148 -21.48 -6.25 2.47
CA PRO B 148 -20.63 -5.64 1.44
C PRO B 148 -19.47 -4.88 2.09
N HIS B 149 -18.39 -4.71 1.35
CA HIS B 149 -17.20 -4.04 1.85
C HIS B 149 -16.51 -3.47 0.62
N LEU B 150 -15.97 -2.25 0.73
CA LEU B 150 -15.34 -1.63 -0.44
C LEU B 150 -14.15 -2.38 -1.03
N ALA B 151 -13.41 -3.13 -0.22
CA ALA B 151 -12.26 -3.86 -0.73
C ALA B 151 -12.72 -4.96 -1.70
N PRO B 152 -13.58 -5.89 -1.23
CA PRO B 152 -14.02 -6.92 -2.18
C PRO B 152 -14.88 -6.34 -3.30
N THR B 153 -15.48 -5.17 -3.07
CA THR B 153 -16.28 -4.52 -4.11
C THR B 153 -15.33 -4.07 -5.21
N TYR B 154 -14.23 -3.42 -4.82
CA TYR B 154 -13.23 -2.97 -5.77
C TYR B 154 -12.70 -4.16 -6.58
N ALA B 155 -12.38 -5.25 -5.87
CA ALA B 155 -11.85 -6.45 -6.52
C ALA B 155 -12.86 -7.10 -7.46
N ALA B 156 -14.10 -7.21 -7.02
CA ALA B 156 -15.14 -7.83 -7.84
C ALA B 156 -15.35 -7.07 -9.14
N VAL B 157 -15.44 -5.75 -9.04
CA VAL B 157 -15.65 -4.94 -10.23
C VAL B 157 -14.46 -5.08 -11.19
N ASN B 158 -13.24 -5.05 -10.66
CA ASN B 158 -12.08 -5.21 -11.52
C ASN B 158 -12.08 -6.58 -12.19
N ALA B 159 -12.44 -7.63 -11.44
CA ALA B 159 -12.48 -8.98 -11.99
C ALA B 159 -13.50 -9.08 -13.11
N LEU B 160 -14.68 -8.50 -12.89
CA LEU B 160 -15.72 -8.52 -13.92
C LEU B 160 -15.28 -7.75 -15.16
N CYS B 161 -14.54 -6.67 -14.97
CA CYS B 161 -14.07 -5.89 -16.11
C CYS B 161 -12.96 -6.62 -16.87
N ILE B 162 -12.19 -7.44 -16.17
CA ILE B 162 -11.13 -8.20 -16.83
C ILE B 162 -11.80 -9.24 -17.74
N ILE B 163 -12.88 -9.86 -17.27
CA ILE B 163 -13.60 -10.83 -18.08
C ILE B 163 -14.15 -10.06 -19.27
N GLY B 164 -14.69 -8.88 -19.00
CA GLY B 164 -15.19 -7.99 -20.04
C GLY B 164 -16.34 -8.39 -20.95
N THR B 165 -17.16 -9.35 -20.55
CA THR B 165 -18.29 -9.76 -21.37
C THR B 165 -19.51 -8.98 -20.89
N GLU B 166 -20.56 -8.93 -21.70
CA GLU B 166 -21.76 -8.22 -21.29
C GLU B 166 -22.35 -8.95 -20.08
N GLU B 167 -22.15 -10.26 -20.04
CA GLU B 167 -22.65 -11.05 -18.91
C GLU B 167 -21.99 -10.55 -17.63
N ALA B 168 -20.68 -10.32 -17.69
CA ALA B 168 -19.94 -9.85 -16.53
C ALA B 168 -20.36 -8.44 -16.12
N TYR B 169 -20.44 -7.54 -17.09
CA TYR B 169 -20.84 -6.16 -16.85
C TYR B 169 -22.20 -6.06 -16.19
N ASP B 170 -23.18 -6.79 -16.72
CA ASP B 170 -24.54 -6.73 -16.22
C ASP B 170 -24.77 -7.33 -14.84
N ILE B 171 -23.78 -8.02 -14.30
CA ILE B 171 -23.91 -8.61 -12.97
C ILE B 171 -24.03 -7.49 -11.95
N ILE B 172 -23.27 -6.42 -12.17
CA ILE B 172 -23.28 -5.30 -11.25
C ILE B 172 -24.59 -4.56 -11.16
N ASN B 173 -25.12 -4.48 -9.93
CA ASN B 173 -26.36 -3.75 -9.69
C ASN B 173 -25.90 -2.32 -9.45
N ARG B 174 -25.92 -1.51 -10.51
CA ARG B 174 -25.45 -0.14 -10.43
C ARG B 174 -26.28 0.77 -9.54
N GLU B 175 -27.59 0.60 -9.54
CA GLU B 175 -28.46 1.42 -8.70
C GLU B 175 -28.10 1.26 -7.23
N LYS B 176 -28.02 0.01 -6.78
CA LYS B 176 -27.69 -0.27 -5.39
C LYS B 176 -26.23 0.05 -5.06
N LEU B 177 -25.34 -0.09 -6.04
CA LEU B 177 -23.95 0.21 -5.80
C LEU B 177 -23.79 1.68 -5.44
N LEU B 178 -24.47 2.56 -6.17
CA LEU B 178 -24.38 3.99 -5.89
C LEU B 178 -24.99 4.31 -4.53
N GLN B 179 -26.13 3.69 -4.23
CA GLN B 179 -26.76 3.90 -2.93
C GLN B 179 -25.80 3.44 -1.82
N TYR B 180 -25.13 2.32 -2.07
CA TYR B 180 -24.18 1.78 -1.10
C TYR B 180 -23.04 2.78 -0.86
N LEU B 181 -22.50 3.35 -1.93
CA LEU B 181 -21.42 4.32 -1.77
C LEU B 181 -21.91 5.51 -0.94
N TYR B 182 -23.13 5.97 -1.21
CA TYR B 182 -23.69 7.08 -0.44
C TYR B 182 -23.76 6.70 1.04
N SER B 183 -24.12 5.44 1.32
CA SER B 183 -24.24 4.99 2.70
C SER B 183 -22.93 4.93 3.47
N LEU B 184 -21.81 5.11 2.77
CA LEU B 184 -20.50 5.07 3.39
C LEU B 184 -19.82 6.44 3.44
N LYS B 185 -20.38 7.41 2.70
CA LYS B 185 -19.81 8.75 2.61
C LYS B 185 -19.92 9.59 3.89
N GLN B 186 -18.79 10.13 4.32
CA GLN B 186 -18.69 10.96 5.52
C GLN B 186 -18.67 12.44 5.14
N PRO B 187 -19.12 13.32 6.05
CA PRO B 187 -19.14 14.75 5.76
C PRO B 187 -17.76 15.39 5.51
N ASP B 188 -16.70 14.79 6.05
CA ASP B 188 -15.36 15.36 5.86
C ASP B 188 -14.73 14.92 4.52
N GLY B 189 -15.51 14.21 3.71
CA GLY B 189 -15.01 13.77 2.42
C GLY B 189 -14.53 12.33 2.34
N SER B 190 -14.31 11.72 3.50
CA SER B 190 -13.83 10.34 3.55
C SER B 190 -14.97 9.34 3.41
N PHE B 191 -14.61 8.07 3.29
CA PHE B 191 -15.57 6.98 3.18
C PHE B 191 -15.22 5.87 4.18
N LEU B 192 -16.25 5.20 4.70
CA LEU B 192 -16.02 4.07 5.59
C LEU B 192 -15.74 2.91 4.62
N MET B 193 -15.03 1.88 5.07
CA MET B 193 -14.75 0.74 4.20
C MET B 193 -16.01 -0.13 4.11
N HIS B 194 -16.84 -0.09 5.15
CA HIS B 194 -18.08 -0.84 5.19
C HIS B 194 -18.92 -0.24 6.31
N VAL B 195 -20.19 -0.61 6.38
CA VAL B 195 -21.07 -0.05 7.40
C VAL B 195 -20.52 -0.35 8.79
N GLY B 196 -20.32 0.71 9.57
CA GLY B 196 -19.78 0.57 10.91
C GLY B 196 -18.32 0.21 10.90
N GLY B 197 -17.66 0.42 9.76
CA GLY B 197 -16.26 0.07 9.61
C GLY B 197 -15.26 1.21 9.71
N GLU B 198 -13.99 0.88 9.46
CA GLU B 198 -12.90 1.83 9.55
C GLU B 198 -12.77 2.78 8.36
N VAL B 199 -12.07 3.88 8.60
CA VAL B 199 -11.84 4.89 7.59
C VAL B 199 -10.35 5.09 7.33
N ASP B 200 -9.97 5.05 6.05
CA ASP B 200 -8.61 5.35 5.61
C ASP B 200 -8.68 5.56 4.09
N VAL B 201 -7.60 6.04 3.50
CA VAL B 201 -7.62 6.35 2.08
C VAL B 201 -7.94 5.21 1.11
N ARG B 202 -7.89 3.97 1.59
CA ARG B 202 -8.23 2.85 0.70
C ARG B 202 -9.68 3.02 0.22
N SER B 203 -10.55 3.50 1.10
CA SER B 203 -11.95 3.65 0.75
C SER B 203 -12.22 4.65 -0.37
N ALA B 204 -11.48 5.76 -0.36
CA ALA B 204 -11.66 6.78 -1.38
C ALA B 204 -11.29 6.21 -2.76
N TYR B 205 -10.21 5.43 -2.81
CA TYR B 205 -9.80 4.82 -4.07
C TYR B 205 -10.76 3.73 -4.52
N CYS B 206 -11.16 2.85 -3.60
CA CYS B 206 -12.09 1.79 -3.96
C CYS B 206 -13.38 2.38 -4.53
N ALA B 207 -13.89 3.41 -3.85
CA ALA B 207 -15.12 4.06 -4.29
C ALA B 207 -14.94 4.74 -5.64
N ALA B 208 -13.86 5.52 -5.77
CA ALA B 208 -13.60 6.23 -7.03
C ALA B 208 -13.38 5.26 -8.19
N SER B 209 -12.70 4.16 -7.92
CA SER B 209 -12.44 3.17 -8.96
C SER B 209 -13.73 2.56 -9.49
N VAL B 210 -14.53 1.98 -8.61
CA VAL B 210 -15.76 1.35 -9.08
C VAL B 210 -16.79 2.35 -9.61
N ALA B 211 -16.84 3.55 -9.04
CA ALA B 211 -17.80 4.56 -9.48
C ALA B 211 -17.48 5.07 -10.89
N SER B 212 -16.19 5.26 -11.17
CA SER B 212 -15.81 5.76 -12.49
C SER B 212 -15.98 4.67 -13.56
N LEU B 213 -15.57 3.44 -13.26
CA LEU B 213 -15.70 2.37 -14.24
C LEU B 213 -17.16 2.12 -14.61
N THR B 214 -18.04 2.11 -13.62
CA THR B 214 -19.46 1.82 -13.86
C THR B 214 -20.33 3.04 -14.17
N ASN B 215 -19.71 4.21 -14.30
CA ASN B 215 -20.43 5.45 -14.62
C ASN B 215 -21.57 5.77 -13.65
N ILE B 216 -21.25 5.86 -12.36
CA ILE B 216 -22.26 6.19 -11.37
C ILE B 216 -21.87 7.40 -10.53
N ILE B 217 -20.92 8.18 -11.02
CA ILE B 217 -20.47 9.36 -10.29
C ILE B 217 -21.46 10.52 -10.39
N THR B 218 -21.83 11.06 -9.23
CA THR B 218 -22.73 12.20 -9.16
C THR B 218 -21.86 13.36 -8.70
N PRO B 219 -22.31 14.60 -8.91
CA PRO B 219 -21.52 15.76 -8.48
C PRO B 219 -21.25 15.81 -6.98
N ASP B 220 -22.16 15.28 -6.18
CA ASP B 220 -22.01 15.30 -4.73
C ASP B 220 -21.30 14.09 -4.12
N LEU B 221 -21.27 12.97 -4.84
CA LEU B 221 -20.65 11.76 -4.32
C LEU B 221 -19.26 11.98 -3.72
N PHE B 222 -18.40 12.70 -4.45
CA PHE B 222 -17.05 12.93 -3.96
C PHE B 222 -16.77 14.32 -3.43
N GLU B 223 -17.82 15.02 -3.03
CA GLU B 223 -17.65 16.37 -2.49
C GLU B 223 -16.73 16.28 -1.26
N GLY B 224 -15.66 17.07 -1.27
CA GLY B 224 -14.74 17.08 -0.15
C GLY B 224 -13.70 15.97 -0.12
N THR B 225 -13.87 14.96 -0.96
CA THR B 225 -12.94 13.83 -0.98
C THR B 225 -11.52 14.22 -1.38
N ALA B 226 -11.37 15.03 -2.43
CA ALA B 226 -10.05 15.44 -2.87
C ALA B 226 -9.30 16.16 -1.75
N GLU B 227 -10.01 17.03 -1.03
CA GLU B 227 -9.42 17.79 0.07
C GLU B 227 -8.99 16.86 1.21
N TRP B 228 -9.80 15.84 1.49
CA TRP B 228 -9.48 14.91 2.56
C TRP B 228 -8.22 14.14 2.19
N ILE B 229 -8.13 13.69 0.94
CA ILE B 229 -6.96 12.95 0.49
C ILE B 229 -5.71 13.81 0.62
N ALA B 230 -5.81 15.09 0.22
CA ALA B 230 -4.65 15.98 0.30
C ALA B 230 -4.16 16.10 1.74
N ARG B 231 -5.08 16.07 2.71
CA ARG B 231 -4.71 16.16 4.11
C ARG B 231 -3.88 14.94 4.53
N CYS B 232 -3.99 13.86 3.76
CA CYS B 232 -3.25 12.63 4.06
C CYS B 232 -1.79 12.70 3.60
N GLN B 233 -1.47 13.64 2.71
CA GLN B 233 -0.08 13.77 2.29
C GLN B 233 0.63 14.38 3.50
N ASN B 234 1.79 13.86 3.87
CA ASN B 234 2.49 14.38 5.03
C ASN B 234 3.83 15.02 4.72
N TRP B 235 4.58 15.36 5.77
CA TRP B 235 5.88 16.01 5.64
C TRP B 235 6.88 15.27 4.75
N GLU B 236 6.70 13.96 4.63
CA GLU B 236 7.60 13.14 3.82
C GLU B 236 7.38 13.31 2.32
N GLY B 237 6.17 13.68 1.95
CA GLY B 237 5.84 13.85 0.55
C GLY B 237 4.88 12.77 0.10
N GLY B 238 4.93 11.62 0.77
CA GLY B 238 4.04 10.53 0.47
C GLY B 238 2.71 10.73 1.18
N ILE B 239 1.84 9.73 1.10
CA ILE B 239 0.51 9.81 1.69
C ILE B 239 0.29 8.71 2.73
N GLY B 240 -0.33 9.08 3.85
CA GLY B 240 -0.62 8.11 4.90
C GLY B 240 -2.06 7.65 4.83
N GLY B 241 -2.39 6.64 5.62
CA GLY B 241 -3.76 6.11 5.61
C GLY B 241 -4.81 7.12 6.00
N VAL B 242 -4.46 8.00 6.93
CA VAL B 242 -5.34 9.07 7.39
C VAL B 242 -4.45 10.26 7.69
N PRO B 243 -5.04 11.46 7.80
CA PRO B 243 -4.22 12.64 8.11
C PRO B 243 -3.38 12.44 9.35
N GLY B 244 -2.09 12.76 9.24
CA GLY B 244 -1.17 12.62 10.36
C GLY B 244 -0.28 11.39 10.29
N MET B 245 -0.73 10.35 9.60
CA MET B 245 0.06 9.14 9.55
C MET B 245 1.21 9.09 8.54
N GLU B 246 2.13 8.18 8.82
CA GLU B 246 3.33 7.95 8.03
C GLU B 246 3.08 7.65 6.56
N ALA B 247 3.90 8.21 5.68
CA ALA B 247 3.79 7.99 4.24
C ALA B 247 4.00 6.51 3.96
N HIS B 248 3.09 5.93 3.17
CA HIS B 248 3.10 4.50 2.87
C HIS B 248 2.75 4.25 1.40
N GLY B 249 3.53 3.40 0.73
CA GLY B 249 3.29 3.11 -0.68
C GLY B 249 1.89 2.70 -1.08
N GLY B 250 1.29 1.80 -0.31
CA GLY B 250 -0.06 1.35 -0.63
C GLY B 250 -1.08 2.47 -0.51
N TYR B 251 -1.01 3.22 0.59
CA TYR B 251 -1.95 4.32 0.79
C TYR B 251 -1.66 5.47 -0.19
N THR B 252 -0.41 5.64 -0.59
CA THR B 252 -0.07 6.70 -1.52
C THR B 252 -0.63 6.36 -2.91
N PHE B 253 -0.56 5.09 -3.30
CA PHE B 253 -1.13 4.70 -4.58
C PHE B 253 -2.62 5.00 -4.55
N CYS B 254 -3.28 4.59 -3.47
CA CYS B 254 -4.72 4.82 -3.34
C CYS B 254 -5.05 6.30 -3.45
N GLY B 255 -4.31 7.13 -2.72
CA GLY B 255 -4.55 8.55 -2.73
C GLY B 255 -4.36 9.21 -4.10
N LEU B 256 -3.22 8.96 -4.73
CA LEU B 256 -2.97 9.58 -6.03
C LEU B 256 -3.88 9.04 -7.12
N ALA B 257 -4.11 7.73 -7.13
CA ALA B 257 -4.97 7.14 -8.15
C ALA B 257 -6.39 7.71 -8.01
N ALA B 258 -6.87 7.85 -6.77
CA ALA B 258 -8.20 8.40 -6.56
C ALA B 258 -8.26 9.84 -7.08
N LEU B 259 -7.24 10.62 -6.77
CA LEU B 259 -7.21 12.01 -7.23
C LEU B 259 -7.15 12.10 -8.75
N VAL B 260 -6.45 11.17 -9.39
CA VAL B 260 -6.38 11.18 -10.85
C VAL B 260 -7.77 10.94 -11.42
N ILE B 261 -8.52 10.01 -10.81
CA ILE B 261 -9.87 9.73 -11.27
C ILE B 261 -10.75 10.97 -11.11
N LEU B 262 -10.55 11.69 -10.02
CA LEU B 262 -11.33 12.90 -9.73
C LEU B 262 -10.80 14.13 -10.44
N LYS B 263 -9.68 13.97 -11.15
CA LYS B 263 -9.06 15.07 -11.88
C LYS B 263 -8.68 16.19 -10.91
N ARG B 264 -8.16 15.80 -9.74
CA ARG B 264 -7.76 16.76 -8.72
C ARG B 264 -6.33 16.51 -8.22
N GLU B 265 -5.48 15.96 -9.08
CA GLU B 265 -4.09 15.68 -8.70
C GLU B 265 -3.35 16.92 -8.20
N ARG B 266 -3.71 18.09 -8.71
CA ARG B 266 -3.07 19.34 -8.30
C ARG B 266 -3.30 19.70 -6.84
N SER B 267 -4.20 18.99 -6.18
CA SER B 267 -4.48 19.24 -4.78
C SER B 267 -3.28 18.86 -3.93
N LEU B 268 -2.38 18.06 -4.51
CA LEU B 268 -1.17 17.60 -3.81
C LEU B 268 0.07 18.36 -4.22
N ASN B 269 1.10 18.23 -3.41
CA ASN B 269 2.40 18.82 -3.70
C ASN B 269 3.02 17.68 -4.49
N LEU B 270 3.00 17.77 -5.82
CA LEU B 270 3.55 16.70 -6.64
C LEU B 270 5.07 16.64 -6.58
N LYS B 271 5.71 17.76 -6.27
CA LYS B 271 7.17 17.79 -6.17
C LYS B 271 7.66 16.91 -5.01
N SER B 272 7.06 17.09 -3.83
CA SER B 272 7.49 16.32 -2.68
C SER B 272 7.06 14.85 -2.81
N LEU B 273 5.96 14.60 -3.50
CA LEU B 273 5.49 13.24 -3.71
C LEU B 273 6.46 12.51 -4.64
N LEU B 274 6.85 13.17 -5.73
CA LEU B 274 7.78 12.58 -6.67
C LEU B 274 9.11 12.25 -6.00
N GLN B 275 9.64 13.17 -5.21
CA GLN B 275 10.91 12.91 -4.56
C GLN B 275 10.78 11.77 -3.55
N TRP B 276 9.64 11.69 -2.86
CA TRP B 276 9.44 10.63 -1.88
C TRP B 276 9.36 9.25 -2.53
N VAL B 277 8.53 9.09 -3.55
CA VAL B 277 8.41 7.76 -4.17
C VAL B 277 9.70 7.29 -4.84
N THR B 278 10.41 8.19 -5.52
CA THR B 278 11.65 7.78 -6.17
C THR B 278 12.67 7.32 -5.14
N SER B 279 12.60 7.90 -3.94
CA SER B 279 13.50 7.54 -2.86
C SER B 279 13.18 6.17 -2.26
N ARG B 280 12.00 5.64 -2.59
CA ARG B 280 11.60 4.34 -2.05
C ARG B 280 12.17 3.15 -2.84
N GLN B 281 12.84 3.42 -3.96
CA GLN B 281 13.46 2.32 -4.69
C GLN B 281 14.80 2.06 -4.00
N MET B 282 15.05 0.80 -3.67
CA MET B 282 16.27 0.40 -2.96
C MET B 282 17.51 0.39 -3.86
N ARG B 283 18.51 1.18 -3.50
CA ARG B 283 19.72 1.27 -4.29
C ARG B 283 20.41 -0.07 -4.51
N PHE B 284 20.39 -0.97 -3.52
CA PHE B 284 21.04 -2.25 -3.71
C PHE B 284 20.12 -3.31 -4.32
N GLU B 285 18.97 -3.54 -3.71
CA GLU B 285 18.05 -4.57 -4.19
C GLU B 285 17.39 -4.28 -5.52
N GLY B 286 17.07 -3.02 -5.79
CA GLY B 286 16.41 -2.66 -7.04
C GLY B 286 14.91 -2.60 -6.92
N GLY B 287 14.36 -3.28 -5.92
CA GLY B 287 12.92 -3.27 -5.71
C GLY B 287 12.54 -2.06 -4.87
N PHE B 288 11.28 -2.02 -4.43
CA PHE B 288 10.78 -0.91 -3.62
C PHE B 288 10.42 -1.32 -2.20
N GLN B 289 10.53 -0.37 -1.27
CA GLN B 289 10.14 -0.57 0.12
C GLN B 289 8.81 0.19 0.24
N GLY B 290 7.99 -0.16 1.24
CA GLY B 290 6.72 0.51 1.40
C GLY B 290 6.79 1.80 2.19
N ARG B 291 7.80 1.91 3.05
CA ARG B 291 8.02 3.07 3.89
C ARG B 291 9.52 3.28 4.03
N CYS B 292 9.92 4.52 4.31
CA CYS B 292 11.34 4.82 4.50
C CYS B 292 11.88 3.95 5.63
N ASN B 293 13.08 3.43 5.44
CA ASN B 293 13.76 2.58 6.40
C ASN B 293 13.13 1.23 6.72
N LYS B 294 12.34 0.70 5.78
CA LYS B 294 11.77 -0.63 5.97
C LYS B 294 12.30 -1.51 4.83
N LEU B 295 11.99 -2.80 4.86
CA LEU B 295 12.52 -3.71 3.86
C LEU B 295 11.87 -3.72 2.49
N VAL B 296 12.64 -4.20 1.51
CA VAL B 296 12.17 -4.32 0.14
C VAL B 296 11.06 -5.38 0.14
N ASP B 297 10.11 -5.27 -0.79
CA ASP B 297 9.03 -6.24 -0.89
C ASP B 297 8.48 -6.17 -2.32
N GLY B 298 8.48 -7.33 -2.98
CA GLY B 298 8.00 -7.40 -4.34
C GLY B 298 6.63 -6.79 -4.65
N CYS B 299 5.69 -6.80 -3.71
CA CYS B 299 4.39 -6.24 -4.02
C CYS B 299 4.43 -4.73 -4.20
N TYR B 300 5.40 -4.06 -3.57
CA TYR B 300 5.51 -2.62 -3.73
C TYR B 300 6.04 -2.27 -5.11
N SER B 301 6.34 -3.30 -5.90
CA SER B 301 6.79 -3.08 -7.28
C SER B 301 5.62 -2.39 -7.97
N PHE B 302 4.40 -2.69 -7.54
CA PHE B 302 3.25 -2.03 -8.13
C PHE B 302 2.81 -0.77 -7.36
N TRP B 303 2.54 -0.92 -6.07
CA TRP B 303 2.07 0.22 -5.30
C TRP B 303 2.96 1.45 -5.41
N GLN B 304 4.27 1.25 -5.40
CA GLN B 304 5.20 2.37 -5.51
C GLN B 304 5.53 2.73 -6.95
N ALA B 305 6.02 1.78 -7.74
CA ALA B 305 6.38 2.10 -9.12
C ALA B 305 5.19 2.60 -9.92
N GLY B 306 4.00 2.11 -9.58
CA GLY B 306 2.79 2.53 -10.28
C GLY B 306 2.53 4.02 -10.15
N LEU B 307 3.11 4.63 -9.12
CA LEU B 307 2.95 6.06 -8.91
C LEU B 307 3.68 6.88 -9.98
N LEU B 308 4.73 6.33 -10.56
CA LEU B 308 5.46 7.09 -11.58
C LEU B 308 4.65 7.37 -12.84
N PRO B 309 3.89 6.37 -13.35
CA PRO B 309 3.10 6.68 -14.55
C PRO B 309 2.01 7.69 -14.21
N LEU B 310 1.48 7.61 -12.99
CA LEU B 310 0.44 8.54 -12.56
C LEU B 310 1.01 9.96 -12.47
N LEU B 311 2.22 10.07 -11.91
CA LEU B 311 2.86 11.39 -11.78
C LEU B 311 3.24 11.91 -13.16
N HIS B 312 3.65 11.02 -14.05
CA HIS B 312 4.00 11.43 -15.41
C HIS B 312 2.80 12.08 -16.08
N ARG B 313 1.65 11.40 -15.99
CA ARG B 313 0.41 11.89 -16.57
C ARG B 313 0.03 13.24 -15.97
N ALA B 314 0.10 13.32 -14.64
CA ALA B 314 -0.25 14.55 -13.92
C ALA B 314 0.60 15.72 -14.36
N LEU B 315 1.92 15.50 -14.42
CA LEU B 315 2.84 16.55 -14.82
C LEU B 315 2.69 16.88 -16.31
N HIS B 316 2.40 15.88 -17.12
CA HIS B 316 2.24 16.09 -18.56
C HIS B 316 1.01 16.96 -18.85
N ALA B 317 -0.01 16.81 -18.02
CA ALA B 317 -1.24 17.59 -18.18
C ALA B 317 -0.98 19.05 -17.87
N GLN B 318 0.06 19.30 -17.06
CA GLN B 318 0.45 20.65 -16.66
C GLN B 318 1.41 21.30 -17.64
N GLY B 319 1.84 20.55 -18.65
CA GLY B 319 2.75 21.08 -19.64
C GLY B 319 4.21 21.07 -19.24
N ASP B 320 4.57 20.19 -18.32
CA ASP B 320 5.95 20.07 -17.85
C ASP B 320 6.89 19.82 -19.03
N PRO B 321 7.73 20.80 -19.38
CA PRO B 321 8.65 20.68 -20.51
C PRO B 321 9.87 19.78 -20.27
N ALA B 322 10.08 19.37 -19.03
CA ALA B 322 11.24 18.53 -18.71
C ALA B 322 10.96 17.03 -18.64
N LEU B 323 9.71 16.62 -18.78
CA LEU B 323 9.38 15.20 -18.72
C LEU B 323 10.01 14.36 -19.82
N SER B 324 10.43 13.15 -19.46
CA SER B 324 11.02 12.23 -20.40
C SER B 324 9.96 11.75 -21.39
N MET B 325 10.39 11.40 -22.59
CA MET B 325 9.45 10.90 -23.60
C MET B 325 9.74 9.42 -23.86
N SER B 326 10.50 8.80 -22.96
CA SER B 326 10.85 7.40 -23.14
C SER B 326 10.94 6.54 -21.87
N HIS B 327 11.08 7.17 -20.71
CA HIS B 327 11.20 6.42 -19.46
C HIS B 327 10.43 6.98 -18.27
N TRP B 328 10.06 6.10 -17.35
CA TRP B 328 9.38 6.50 -16.12
C TRP B 328 10.52 6.99 -15.23
N MET B 329 10.18 7.76 -14.21
CA MET B 329 11.21 8.28 -13.33
C MET B 329 11.63 7.37 -12.17
N PHE B 330 11.96 6.13 -12.53
CA PHE B 330 12.48 5.15 -11.58
C PHE B 330 13.37 4.24 -12.41
N HIS B 331 14.19 3.43 -11.77
CA HIS B 331 15.09 2.56 -12.51
C HIS B 331 14.32 1.33 -12.97
N GLN B 332 13.82 1.40 -14.21
CA GLN B 332 13.04 0.32 -14.79
C GLN B 332 13.80 -0.99 -14.87
N GLN B 333 15.08 -0.93 -15.26
CA GLN B 333 15.85 -2.15 -15.37
C GLN B 333 16.08 -2.80 -14.02
N ALA B 334 16.48 -2.01 -13.03
CA ALA B 334 16.74 -2.56 -11.70
C ALA B 334 15.50 -3.21 -11.10
N LEU B 335 14.31 -2.63 -11.33
CA LEU B 335 13.12 -3.25 -10.78
C LEU B 335 12.87 -4.60 -11.44
N GLN B 336 13.06 -4.67 -12.75
CA GLN B 336 12.87 -5.94 -13.46
C GLN B 336 13.87 -6.97 -12.96
N GLU B 337 15.09 -6.51 -12.67
CA GLU B 337 16.11 -7.42 -12.17
C GLU B 337 15.72 -7.99 -10.81
N TYR B 338 15.19 -7.14 -9.92
CA TYR B 338 14.78 -7.61 -8.61
C TYR B 338 13.63 -8.63 -8.71
N ILE B 339 12.63 -8.31 -9.51
CA ILE B 339 11.48 -9.20 -9.66
C ILE B 339 11.86 -10.54 -10.29
N LEU B 340 12.58 -10.49 -11.40
CA LEU B 340 12.96 -11.71 -12.10
C LEU B 340 13.95 -12.61 -11.37
N MET B 341 14.95 -12.02 -10.72
CA MET B 341 15.94 -12.83 -10.00
C MET B 341 15.57 -13.17 -8.57
N CYS B 342 14.82 -12.31 -7.90
CA CYS B 342 14.49 -12.52 -6.50
C CYS B 342 13.06 -12.86 -6.12
N CYS B 343 12.10 -12.56 -6.98
CA CYS B 343 10.70 -12.78 -6.62
C CYS B 343 9.94 -13.93 -7.26
N GLN B 344 10.63 -14.82 -7.97
CA GLN B 344 9.93 -15.94 -8.58
C GLN B 344 10.10 -17.23 -7.79
N CYS B 345 9.00 -17.94 -7.58
CA CYS B 345 9.05 -19.22 -6.90
C CYS B 345 9.29 -20.25 -8.01
N PRO B 346 10.32 -21.09 -7.86
CA PRO B 346 10.60 -22.09 -8.90
C PRO B 346 9.42 -23.00 -9.24
N ALA B 347 8.50 -23.17 -8.29
CA ALA B 347 7.34 -24.02 -8.51
C ALA B 347 6.15 -23.26 -9.07
N GLY B 348 6.34 -21.97 -9.34
CA GLY B 348 5.26 -21.15 -9.86
C GLY B 348 4.80 -20.16 -8.82
N GLY B 349 4.41 -18.97 -9.26
CA GLY B 349 3.97 -17.94 -8.34
C GLY B 349 5.11 -17.00 -8.01
N LEU B 350 4.79 -15.82 -7.49
CA LEU B 350 5.82 -14.86 -7.12
C LEU B 350 5.71 -14.52 -5.63
N LEU B 351 6.73 -13.83 -5.12
CA LEU B 351 6.77 -13.53 -3.70
C LEU B 351 7.38 -12.20 -3.30
N ASP B 352 7.32 -11.95 -1.99
CA ASP B 352 7.83 -10.75 -1.33
C ASP B 352 9.35 -10.61 -1.56
N LYS B 353 10.10 -11.59 -1.08
CA LYS B 353 11.55 -11.60 -1.21
C LYS B 353 12.03 -13.02 -0.98
N PRO B 354 13.32 -13.31 -1.26
CA PRO B 354 13.82 -14.66 -1.05
C PRO B 354 13.61 -15.10 0.40
N GLY B 355 13.10 -16.32 0.57
CA GLY B 355 12.85 -16.82 1.92
C GLY B 355 11.38 -16.82 2.27
N LYS B 356 10.59 -16.03 1.53
CA LYS B 356 9.16 -15.94 1.77
C LYS B 356 8.43 -16.93 0.87
N SER B 357 7.22 -17.31 1.26
CA SER B 357 6.45 -18.25 0.47
C SER B 357 5.57 -17.50 -0.53
N ARG B 358 5.26 -18.18 -1.63
CA ARG B 358 4.43 -17.59 -2.68
C ARG B 358 2.99 -17.44 -2.20
N ASP B 359 2.27 -16.54 -2.86
CA ASP B 359 0.85 -16.34 -2.59
C ASP B 359 0.29 -15.61 -3.80
N PHE B 360 -1.01 -15.66 -3.98
CA PHE B 360 -1.63 -15.04 -5.14
C PHE B 360 -1.56 -13.52 -5.14
N TYR B 361 -1.51 -12.93 -3.96
CA TYR B 361 -1.42 -11.48 -3.84
C TYR B 361 -0.09 -11.00 -4.44
N HIS B 362 1.02 -11.61 -4.02
CA HIS B 362 2.31 -11.19 -4.55
C HIS B 362 2.48 -11.56 -6.02
N THR B 363 1.81 -12.62 -6.46
CA THR B 363 1.90 -13.02 -7.85
C THR B 363 1.26 -11.90 -8.67
N CYS B 364 0.12 -11.38 -8.20
CA CYS B 364 -0.57 -10.30 -8.89
C CYS B 364 0.25 -9.02 -8.97
N TYR B 365 0.72 -8.53 -7.83
CA TYR B 365 1.44 -7.27 -7.82
C TYR B 365 2.88 -7.27 -8.30
N CYS B 366 3.58 -8.39 -8.17
CA CYS B 366 4.93 -8.47 -8.70
C CYS B 366 4.84 -8.40 -10.22
N LEU B 367 3.87 -9.12 -10.79
CA LEU B 367 3.71 -9.10 -12.24
C LEU B 367 3.21 -7.73 -12.71
N SER B 368 2.33 -7.11 -11.92
CA SER B 368 1.82 -5.79 -12.30
C SER B 368 2.98 -4.80 -12.35
N GLY B 369 3.85 -4.86 -11.34
CA GLY B 369 5.00 -3.97 -11.30
C GLY B 369 5.96 -4.26 -12.44
N LEU B 370 6.12 -5.53 -12.78
CA LEU B 370 7.01 -5.90 -13.88
C LEU B 370 6.50 -5.28 -15.18
N SER B 371 5.19 -5.34 -15.39
CA SER B 371 4.61 -4.77 -16.60
C SER B 371 4.83 -3.26 -16.68
N ILE B 372 4.65 -2.57 -15.55
CA ILE B 372 4.86 -1.13 -15.53
C ILE B 372 6.32 -0.82 -15.89
N ALA B 373 7.25 -1.62 -15.36
CA ALA B 373 8.67 -1.40 -15.63
C ALA B 373 9.05 -1.68 -17.07
N GLN B 374 8.31 -2.54 -17.74
CA GLN B 374 8.60 -2.90 -19.13
C GLN B 374 8.03 -1.91 -20.15
N HIS B 375 6.92 -1.26 -19.79
CA HIS B 375 6.24 -0.39 -20.73
C HIS B 375 6.06 1.08 -20.39
N PHE B 376 6.59 1.94 -21.26
CA PHE B 376 6.43 3.37 -21.10
C PHE B 376 5.50 3.85 -22.19
N GLY B 377 4.60 4.76 -21.83
CA GLY B 377 3.67 5.30 -22.80
C GLY B 377 3.24 6.70 -22.41
N SER B 378 3.25 7.61 -23.37
CA SER B 378 2.84 9.00 -23.14
C SER B 378 2.52 9.64 -24.49
N GLY B 379 1.27 10.03 -24.67
CA GLY B 379 0.88 10.65 -25.92
C GLY B 379 0.97 9.61 -27.02
N ALA B 380 1.74 9.92 -28.07
CA ALA B 380 1.92 9.01 -29.18
C ALA B 380 3.22 8.23 -29.02
N MET B 381 3.93 8.51 -27.93
CA MET B 381 5.21 7.86 -27.66
C MET B 381 5.08 6.56 -26.86
N LEU B 382 5.75 5.53 -27.35
CA LEU B 382 5.76 4.22 -26.70
C LEU B 382 7.19 3.70 -26.72
N HIS B 383 7.71 3.31 -25.56
CA HIS B 383 9.07 2.80 -25.48
C HIS B 383 9.12 1.63 -24.50
N ASP B 384 9.43 0.45 -25.04
CA ASP B 384 9.50 -0.75 -24.22
C ASP B 384 10.91 -1.12 -23.83
N VAL B 385 11.05 -1.67 -22.62
CA VAL B 385 12.34 -2.12 -22.11
C VAL B 385 12.06 -3.47 -21.47
N VAL B 386 12.13 -4.52 -22.28
CA VAL B 386 11.88 -5.87 -21.77
C VAL B 386 13.20 -6.58 -21.51
N LEU B 387 13.56 -6.68 -20.23
CA LEU B 387 14.79 -7.33 -19.83
C LEU B 387 14.67 -8.84 -19.98
N GLY B 388 15.76 -9.48 -20.42
CA GLY B 388 15.75 -10.93 -20.57
C GLY B 388 15.27 -11.42 -21.92
N VAL B 389 14.81 -12.67 -21.96
CA VAL B 389 14.32 -13.21 -23.21
C VAL B 389 13.06 -12.42 -23.61
N PRO B 390 12.85 -12.22 -24.91
CA PRO B 390 11.69 -11.47 -25.41
C PRO B 390 10.34 -11.94 -24.88
N GLU B 391 10.24 -13.24 -24.59
CA GLU B 391 8.99 -13.82 -24.09
C GLU B 391 8.59 -13.27 -22.72
N ASN B 392 9.49 -12.55 -22.06
CA ASN B 392 9.19 -11.98 -20.75
C ASN B 392 8.17 -10.86 -20.82
N ALA B 393 7.99 -10.30 -22.01
CA ALA B 393 7.05 -9.19 -22.17
C ALA B 393 5.64 -9.53 -21.70
N LEU B 394 5.12 -8.71 -20.79
CA LEU B 394 3.78 -8.89 -20.26
C LEU B 394 2.82 -7.94 -20.95
N GLN B 395 1.53 -8.19 -20.78
CA GLN B 395 0.54 -7.30 -21.35
C GLN B 395 0.56 -6.05 -20.48
N PRO B 396 0.26 -4.88 -21.06
CA PRO B 396 0.27 -3.64 -20.29
C PRO B 396 -0.84 -3.58 -19.25
N THR B 397 -0.65 -2.75 -18.23
CA THR B 397 -1.65 -2.58 -17.20
C THR B 397 -1.92 -1.08 -17.03
N HIS B 398 -3.17 -0.74 -16.74
CA HIS B 398 -3.56 0.65 -16.55
C HIS B 398 -3.09 1.05 -15.14
N PRO B 399 -2.34 2.16 -15.04
CA PRO B 399 -1.84 2.60 -13.73
C PRO B 399 -2.85 3.05 -12.69
N VAL B 400 -4.06 3.38 -13.13
CA VAL B 400 -5.09 3.80 -12.19
C VAL B 400 -5.87 2.62 -11.62
N TYR B 401 -6.34 1.74 -12.50
CA TYR B 401 -7.16 0.61 -12.11
C TYR B 401 -6.45 -0.74 -11.94
N ASN B 402 -5.28 -0.85 -12.53
CA ASN B 402 -4.50 -2.08 -12.53
C ASN B 402 -5.23 -3.27 -13.14
N ILE B 403 -5.78 -3.03 -14.32
CA ILE B 403 -6.40 -4.04 -15.16
C ILE B 403 -5.95 -3.57 -16.55
N GLY B 404 -6.03 -4.42 -17.55
CA GLY B 404 -5.59 -4.02 -18.88
C GLY B 404 -6.22 -2.74 -19.38
N PRO B 405 -5.45 -1.87 -20.07
CA PRO B 405 -5.99 -0.62 -20.60
C PRO B 405 -7.16 -0.88 -21.54
N ASP B 406 -7.09 -1.99 -22.28
CA ASP B 406 -8.15 -2.35 -23.20
C ASP B 406 -9.43 -2.65 -22.41
N LYS B 407 -9.26 -3.27 -21.23
CA LYS B 407 -10.40 -3.59 -20.38
C LYS B 407 -11.02 -2.33 -19.80
N VAL B 408 -10.17 -1.35 -19.47
CA VAL B 408 -10.66 -0.10 -18.93
C VAL B 408 -11.52 0.62 -19.98
N ILE B 409 -10.99 0.73 -21.19
CA ILE B 409 -11.72 1.39 -22.27
C ILE B 409 -13.02 0.69 -22.59
N GLN B 410 -12.98 -0.63 -22.69
CA GLN B 410 -14.17 -1.40 -23.03
C GLN B 410 -15.25 -1.26 -21.95
N ALA B 411 -14.85 -1.33 -20.70
CA ALA B 411 -15.81 -1.21 -19.59
C ALA B 411 -16.39 0.20 -19.49
N THR B 412 -15.53 1.21 -19.53
CA THR B 412 -15.99 2.58 -19.42
C THR B 412 -16.93 2.94 -20.55
N THR B 413 -16.62 2.47 -21.76
CA THR B 413 -17.47 2.75 -22.91
C THR B 413 -18.83 2.10 -22.75
N TYR B 414 -18.84 0.85 -22.28
CA TYR B 414 -20.08 0.14 -22.07
C TYR B 414 -20.99 0.84 -21.06
N PHE B 415 -20.44 1.16 -19.90
CA PHE B 415 -21.22 1.80 -18.85
C PHE B 415 -21.62 3.25 -19.13
N LEU B 416 -20.86 3.94 -19.97
CA LEU B 416 -21.18 5.33 -20.30
C LEU B 416 -22.47 5.37 -21.11
N GLN B 417 -22.88 4.22 -21.63
CA GLN B 417 -24.10 4.12 -22.43
C GLN B 417 -25.32 4.00 -21.52
N LYS B 418 -25.07 3.82 -20.23
CA LYS B 418 -26.15 3.70 -19.25
C LYS B 418 -26.21 5.01 -18.48
N PRO B 419 -27.39 5.37 -17.95
CA PRO B 419 -27.48 6.62 -17.20
C PRO B 419 -26.98 6.46 -15.77
N VAL B 420 -26.65 7.57 -15.13
CA VAL B 420 -26.22 7.53 -13.74
C VAL B 420 -27.53 7.23 -13.00
N PRO B 421 -27.55 6.17 -12.18
CA PRO B 421 -28.74 5.74 -11.42
C PRO B 421 -29.59 6.83 -10.76
N GLY B 422 -30.78 7.06 -11.32
CA GLY B 422 -31.70 8.04 -10.79
C GLY B 422 -31.20 9.48 -10.76
N PHE B 423 -30.28 9.80 -11.66
CA PHE B 423 -29.72 11.14 -11.71
C PHE B 423 -29.48 11.66 -13.13
N GLU B 424 -29.75 12.95 -13.32
CA GLU B 424 -29.56 13.61 -14.61
C GLU B 424 -28.62 14.81 -14.45
N CYS C 8 1.33 -9.52 4.64
CA CYS C 8 0.70 -8.45 3.82
C CYS C 8 -0.81 -8.66 3.70
N VAL C 9 -1.61 -7.74 4.25
CA VAL C 9 -3.07 -7.82 4.15
C VAL C 9 -3.63 -6.49 3.66
N LEU C 10 -4.52 -6.57 2.67
CA LEU C 10 -5.14 -5.40 2.07
C LEU C 10 -6.45 -4.99 2.70
N SER C 11 -7.07 -5.90 3.44
CA SER C 11 -8.35 -5.60 4.07
C SER C 11 -8.66 -6.57 5.21
C1 GLC D . 1.55 18.05 4.48
C2 GLC D . 0.62 17.79 5.69
C3 GLC D . 0.66 19.18 6.59
C4 GLC D . 2.12 19.44 7.08
C5 GLC D . 3.10 19.50 5.83
C6 GLC D . 4.59 19.52 6.19
O2 GLC D . -0.72 17.57 5.27
O3 GLC D . -0.17 18.93 7.72
O4 GLC D . 2.13 20.66 7.81
O5 GLC D . 2.90 18.31 4.97
O6 GLC D . 5.35 19.92 5.05
C1 FRU D . -0.29 18.50 1.74
C2 FRU D . 1.07 19.11 2.21
C3 FRU D . 1.49 20.44 1.54
C4 FRU D . 3.01 20.35 1.61
C5 FRU D . 3.28 18.86 1.32
C6 FRU D . 4.54 18.25 1.99
O1 FRU D . -0.45 18.49 0.31
O2 FRU D . 1.09 19.17 3.67
O3 FRU D . 0.99 21.60 2.19
O4 FRU D . 3.65 21.25 0.72
O5 FRU D . 2.10 18.17 1.81
O6 FRU D . 4.82 16.98 1.42
C ACY E . 0.67 -3.92 7.77
O ACY E . 0.88 -2.64 7.89
OXT ACY E . -0.32 -4.58 8.22
CH3 ACY E . 1.77 -4.65 7.02
C ACY F . -0.45 -1.64 5.71
O ACY F . 0.51 -2.43 5.34
OXT ACY F . -0.53 -0.94 6.78
CH3 ACY F . -1.60 -1.58 4.71
C ACY G . -9.90 2.28 12.76
O ACY G . -11.09 2.81 12.82
OXT ACY G . -9.51 1.20 13.31
CH3 ACY G . -8.93 3.09 11.92
ZN ZN H . 4.39 -7.73 -0.07
C ACY I . 0.41 -20.64 -1.79
O ACY I . -0.39 -19.91 -2.48
OXT ACY I . 1.12 -21.63 -2.20
CH3 ACY I . 0.49 -20.25 -0.33
C ACY J . -2.77 -23.01 -2.48
O ACY J . -4.05 -23.28 -2.52
OXT ACY J . -2.01 -22.66 -3.45
CH3 ACY J . -2.18 -23.14 -1.09
C1 FAR K . 2.97 -6.18 2.82
C2 FAR K . 1.86 -5.50 2.07
C3 FAR K . 0.87 -4.78 2.65
C5 FAR K . -0.22 -4.12 1.84
C6 FAR K . 0.02 -2.63 1.59
C7 FAR K . -0.93 -2.06 0.57
C8 FAR K . -2.05 -1.33 0.84
C9 FAR K . -2.95 -0.79 -0.24
C11 FAR K . -4.39 -1.27 -0.21
C12 FAR K . -5.08 -0.98 -1.51
C13 FAR K . -6.37 -1.28 -1.80
C14 FAR K . -7.32 -1.96 -0.84
C15 FAR K . -6.99 -0.95 -3.13
C4 FAR K . 0.72 -4.58 4.13
C10 FAR K . -2.50 -0.99 2.25
#